data_9DDO
#
_entry.id   9DDO
#
_cell.length_a   1.00
_cell.length_b   1.00
_cell.length_c   1.00
_cell.angle_alpha   90.00
_cell.angle_beta   90.00
_cell.angle_gamma   90.00
#
_symmetry.space_group_name_H-M   'P 1'
#
loop_
_entity.id
_entity.type
_entity.pdbx_description
1 polymer 'Biopolymer transport protein ExbB'
2 polymer 'Protein TonB'
3 polymer 'Biopolymer transport protein ExbD'
4 non-polymer '(1S)-2-{[(2-AMINOETHOXY)(HYDROXY)PHOSPHORYL]OXY}-1-[(PALMITOYLOXY)METHYL]ETHYL STEARATE'
#
loop_
_entity_poly.entity_id
_entity_poly.type
_entity_poly.pdbx_seq_one_letter_code
_entity_poly.pdbx_strand_id
1 'polypeptide(L)'
;MGNNLMQTDLSVWGMYQHADIVVKCVMIGLILASVVTWAIFFSKSVEFFNQKRRLKREQQLLAEARSLNQANDIAADFGS
KSLSLHLLNEAQNELELSEGSDDNEGIKERTSFRLERRVAAVGRQMGRGNGYLATIGAISPFVGLFGTVWGIMNSFIGIA
QTQTTNLAVVAPGIAEALLATAIGLVAAIPAVVIYNVFARQIGGFKAMLGDVAAQVLLLQSRDLDLEASAAAHPVRVAQK
LRAG
;
A,B,C,D,E
2 'polypeptide(L)'
;MTLDLPRRFPWPTLLSVCIHGAVVAGLLYTSVHQVIELPAPAQPISVTMVTPADLEPPQAVQPPPEPVVEPEPEPEPIPE
PPKEAPVVIEKPKPKPKPKPKPVKKVQEQPKRDVKPVESRPASPFENTAPARLTSSTATAATSKPVTSVASGPRALSRNQ
PQYPARAQALRIEGQVKVKFDVTPDGRVDNVQILSAKPANMFEREVKNAMRRWRYEPGKPGSGIVVNILFKINGTTEIQG
GGSENLYFQGGSAWSHPQFEK
;
F
3 'polypeptide(L)'
;MAMHLNENLDDNGEMHDINVTPFIDVMLVLLIIFMVAAPLATVDVKVNLPASTSTPQPRPEKPVYLSVKADNSMFIGNDP
VTDETMITALNALTEGKKDTTIFFRADKTVDYETLMKVMDTLHQAGYLKIGLVGEETAKAKENLYFQGNAGSGHHHHHHH
HHH
;
Y,Z
#
loop_
_chem_comp.id
_chem_comp.type
_chem_comp.name
_chem_comp.formula
PEV non-polymer '(1S)-2-{[(2-AMINOETHOXY)(HYDROXY)PHOSPHORYL]OXY}-1-[(PALMITOYLOXY)METHYL]ETHYL STEARATE' 'C39 H78 N O8 P'
#
# COMPACT_ATOMS: atom_id res chain seq x y z
N ASP A 9 41.36 1.88 -27.23
CA ASP A 9 41.16 1.03 -26.03
C ASP A 9 39.80 1.31 -25.37
N LEU A 10 39.58 2.49 -24.81
CA LEU A 10 38.36 2.84 -24.06
C LEU A 10 37.14 3.04 -24.98
N SER A 11 36.10 2.21 -24.82
CA SER A 11 34.82 2.27 -25.52
C SER A 11 33.76 1.51 -24.73
N VAL A 12 32.47 1.68 -25.06
CA VAL A 12 31.36 1.01 -24.34
C VAL A 12 31.48 -0.52 -24.34
N TRP A 13 32.06 -1.13 -25.38
CA TRP A 13 32.47 -2.54 -25.31
C TRP A 13 33.82 -2.71 -24.61
N GLY A 14 34.84 -1.94 -25.00
CA GLY A 14 36.20 -2.14 -24.54
C GLY A 14 36.36 -2.08 -23.02
N MET A 15 35.59 -1.22 -22.35
CA MET A 15 35.64 -1.09 -20.90
C MET A 15 35.02 -2.29 -20.16
N TYR A 16 34.17 -3.09 -20.81
CA TYR A 16 33.79 -4.38 -20.22
C TYR A 16 34.99 -5.34 -20.20
N GLN A 17 35.79 -5.40 -21.27
CA GLN A 17 36.79 -6.44 -21.46
C GLN A 17 37.82 -6.55 -20.34
N HIS A 18 38.15 -5.41 -19.69
CA HIS A 18 39.20 -5.35 -18.63
C HIS A 18 38.63 -4.96 -17.26
N ALA A 19 37.30 -4.88 -17.11
CA ALA A 19 36.68 -4.62 -15.82
C ALA A 19 36.90 -5.76 -14.81
N ASP A 20 36.77 -5.47 -13.50
CA ASP A 20 36.93 -6.48 -12.45
C ASP A 20 35.89 -7.62 -12.56
N ILE A 21 36.26 -8.83 -12.15
CA ILE A 21 35.38 -10.00 -12.26
C ILE A 21 34.04 -9.79 -11.55
N VAL A 22 34.02 -9.08 -10.41
CA VAL A 22 32.77 -8.79 -9.70
C VAL A 22 31.83 -7.95 -10.55
N VAL A 23 32.32 -6.87 -11.17
CA VAL A 23 31.46 -6.03 -12.01
C VAL A 23 31.15 -6.68 -13.35
N LYS A 24 32.02 -7.56 -13.88
CA LYS A 24 31.67 -8.43 -15.01
C LYS A 24 30.49 -9.34 -14.64
N CYS A 25 30.51 -9.99 -13.49
CA CYS A 25 29.38 -10.77 -13.00
C CYS A 25 28.11 -9.94 -12.82
N VAL A 26 28.21 -8.71 -12.30
CA VAL A 26 27.04 -7.81 -12.19
C VAL A 26 26.49 -7.46 -13.57
N MET A 27 27.34 -7.03 -14.52
CA MET A 27 26.89 -6.69 -15.86
C MET A 27 26.28 -7.89 -16.58
N ILE A 28 26.93 -9.05 -16.56
CA ILE A 28 26.37 -10.27 -17.16
C ILE A 28 25.06 -10.67 -16.46
N GLY A 29 24.97 -10.59 -15.14
CA GLY A 29 23.75 -10.89 -14.39
C GLY A 29 22.59 -10.01 -14.81
N LEU A 30 22.82 -8.71 -15.00
CA LEU A 30 21.79 -7.78 -15.49
C LEU A 30 21.45 -8.02 -16.96
N ILE A 31 22.41 -8.36 -17.82
CA ILE A 31 22.12 -8.72 -19.21
C ILE A 31 21.26 -9.99 -19.27
N LEU A 32 21.50 -11.00 -18.43
CA LEU A 32 20.63 -12.16 -18.32
C LEU A 32 19.24 -11.76 -17.81
N ALA A 33 19.13 -10.91 -16.79
CA ALA A 33 17.83 -10.42 -16.34
C ALA A 33 17.08 -9.65 -17.44
N SER A 34 17.79 -8.88 -18.27
CA SER A 34 17.21 -8.22 -19.44
C SER A 34 16.68 -9.23 -20.45
N VAL A 35 17.48 -10.23 -20.82
CA VAL A 35 17.03 -11.30 -21.74
C VAL A 35 15.80 -12.02 -21.19
N VAL A 36 15.76 -12.34 -19.90
CA VAL A 36 14.59 -12.98 -19.31
C VAL A 36 13.36 -12.07 -19.32
N THR A 37 13.46 -10.78 -19.00
CA THR A 37 12.26 -9.93 -19.06
C THR A 37 11.73 -9.77 -20.49
N TRP A 38 12.57 -9.78 -21.51
CA TRP A 38 12.10 -9.78 -22.89
C TRP A 38 11.51 -11.13 -23.30
N ALA A 39 12.08 -12.25 -22.86
CA ALA A 39 11.49 -13.56 -23.11
C ALA A 39 10.10 -13.68 -22.48
N ILE A 40 9.90 -13.19 -21.25
CA ILE A 40 8.59 -13.16 -20.61
C ILE A 40 7.63 -12.29 -21.40
N PHE A 41 8.06 -11.12 -21.87
CA PHE A 41 7.19 -10.25 -22.66
C PHE A 41 6.69 -10.91 -23.94
N PHE A 42 7.58 -11.47 -24.76
CA PHE A 42 7.16 -12.13 -25.99
C PHE A 42 6.32 -13.39 -25.72
N SER A 43 6.64 -14.16 -24.68
CA SER A 43 5.83 -15.33 -24.30
C SER A 43 4.43 -14.94 -23.85
N LYS A 44 4.30 -14.02 -22.89
CA LYS A 44 3.01 -13.68 -22.30
C LYS A 44 2.15 -12.80 -23.18
N SER A 45 2.71 -11.89 -23.97
CA SER A 45 1.89 -11.06 -24.86
C SER A 45 1.13 -11.90 -25.89
N VAL A 46 1.72 -12.97 -26.40
CA VAL A 46 1.03 -13.93 -27.28
C VAL A 46 -0.06 -14.70 -26.53
N GLU A 47 0.22 -15.16 -25.31
CA GLU A 47 -0.76 -15.83 -24.46
C GLU A 47 -1.96 -14.93 -24.15
N PHE A 48 -1.76 -13.70 -23.68
CA PHE A 48 -2.85 -12.76 -23.45
C PHE A 48 -3.61 -12.45 -24.71
N PHE A 49 -2.93 -12.25 -25.84
CA PHE A 49 -3.63 -11.98 -27.10
C PHE A 49 -4.59 -13.11 -27.45
N ASN A 50 -4.11 -14.36 -27.50
CA ASN A 50 -4.98 -15.48 -27.85
C ASN A 50 -6.06 -15.74 -26.79
N GLN A 51 -5.71 -15.66 -25.51
CA GLN A 51 -6.68 -15.96 -24.41
C GLN A 51 -7.78 -14.89 -24.36
N LYS A 52 -7.44 -13.61 -24.54
CA LYS A 52 -8.41 -12.52 -24.53
C LYS A 52 -9.25 -12.48 -25.80
N ARG A 53 -8.64 -12.71 -26.97
CA ARG A 53 -9.35 -12.80 -28.25
C ARG A 53 -10.37 -13.93 -28.27
N ARG A 54 -10.02 -15.11 -27.78
CA ARG A 54 -10.97 -16.24 -27.62
C ARG A 54 -12.08 -15.89 -26.64
N LEU A 55 -11.75 -15.38 -25.46
CA LEU A 55 -12.73 -15.05 -24.44
C LEU A 55 -13.71 -13.98 -24.94
N LYS A 56 -13.25 -12.96 -25.67
CA LYS A 56 -14.13 -11.97 -26.31
C LYS A 56 -15.08 -12.62 -27.31
N ARG A 57 -14.59 -13.49 -28.20
CA ARG A 57 -15.42 -14.22 -29.18
C ARG A 57 -16.48 -15.04 -28.46
N GLU A 58 -16.10 -15.82 -27.46
CA GLU A 58 -17.00 -16.64 -26.67
C GLU A 58 -18.04 -15.83 -25.89
N GLN A 59 -17.64 -14.74 -25.22
CA GLN A 59 -18.58 -13.89 -24.51
C GLN A 59 -19.60 -13.27 -25.45
N GLN A 60 -19.15 -12.75 -26.60
CA GLN A 60 -20.04 -12.11 -27.56
C GLN A 60 -21.05 -13.10 -28.17
N LEU A 61 -20.70 -14.38 -28.27
CA LEU A 61 -21.65 -15.45 -28.62
C LEU A 61 -22.60 -15.78 -27.47
N LEU A 62 -22.11 -15.99 -26.25
CA LEU A 62 -22.96 -16.33 -25.11
C LEU A 62 -23.92 -15.21 -24.71
N ALA A 63 -23.65 -13.95 -25.07
CA ALA A 63 -24.49 -12.82 -24.72
C ALA A 63 -25.97 -12.95 -25.15
N GLU A 64 -26.29 -13.75 -26.18
CA GLU A 64 -27.68 -13.96 -26.60
C GLU A 64 -28.43 -15.07 -25.84
N ALA A 65 -27.75 -15.86 -24.99
CA ALA A 65 -28.38 -16.98 -24.30
C ALA A 65 -29.49 -16.54 -23.32
N ARG A 66 -30.58 -17.30 -23.24
CA ARG A 66 -31.70 -16.99 -22.28
C ARG A 66 -31.81 -18.08 -21.22
N SER A 67 -31.18 -19.24 -21.43
CA SER A 67 -31.20 -20.38 -20.49
C SER A 67 -29.85 -21.11 -20.49
N LEU A 68 -29.57 -21.87 -19.45
CA LEU A 68 -28.31 -22.61 -19.34
C LEU A 68 -28.22 -23.73 -20.38
N ASN A 69 -29.34 -24.37 -20.74
CA ASN A 69 -29.35 -25.34 -21.84
C ASN A 69 -28.98 -24.70 -23.18
N GLN A 70 -29.50 -23.50 -23.47
CA GLN A 70 -29.12 -22.78 -24.68
C GLN A 70 -27.63 -22.40 -24.64
N ALA A 71 -27.09 -22.00 -23.49
CA ALA A 71 -25.68 -21.70 -23.34
C ALA A 71 -24.79 -22.94 -23.57
N ASN A 72 -25.19 -24.12 -23.09
CA ASN A 72 -24.47 -25.35 -23.41
C ASN A 72 -24.50 -25.68 -24.91
N ASP A 73 -25.64 -25.55 -25.57
CA ASP A 73 -25.76 -25.79 -27.00
C ASP A 73 -24.91 -24.81 -27.84
N ILE A 74 -24.77 -23.55 -27.42
CA ILE A 74 -23.83 -22.60 -28.03
C ILE A 74 -22.39 -23.05 -27.75
N ALA A 75 -22.05 -23.30 -26.50
CA ALA A 75 -20.66 -23.52 -26.07
C ALA A 75 -20.04 -24.81 -26.62
N ALA A 76 -20.83 -25.78 -27.08
CA ALA A 76 -20.31 -27.00 -27.71
C ALA A 76 -19.45 -26.75 -28.97
N ASP A 77 -19.53 -25.57 -29.58
CA ASP A 77 -18.59 -25.13 -30.63
C ASP A 77 -17.15 -25.01 -30.12
N PHE A 78 -16.99 -24.55 -28.88
CA PHE A 78 -15.65 -24.19 -28.33
C PHE A 78 -14.75 -25.39 -28.11
N GLY A 79 -13.45 -25.20 -28.31
CA GLY A 79 -12.45 -26.24 -28.07
C GLY A 79 -12.27 -26.57 -26.59
N SER A 80 -11.69 -27.72 -26.27
CA SER A 80 -11.50 -28.19 -24.89
C SER A 80 -10.66 -27.27 -24.01
N LYS A 81 -9.82 -26.40 -24.58
CA LYS A 81 -9.06 -25.37 -23.86
C LYS A 81 -9.87 -24.11 -23.52
N SER A 82 -11.14 -24.04 -23.90
CA SER A 82 -12.01 -22.87 -23.70
C SER A 82 -12.34 -22.63 -22.23
N LEU A 83 -12.06 -21.41 -21.75
CA LEU A 83 -12.43 -21.00 -20.39
C LEU A 83 -13.93 -20.89 -20.21
N SER A 84 -14.66 -20.39 -21.22
CA SER A 84 -16.11 -20.31 -21.14
C SER A 84 -16.74 -21.70 -21.07
N LEU A 85 -16.30 -22.64 -21.91
CA LEU A 85 -16.80 -24.02 -21.84
C LEU A 85 -16.45 -24.65 -20.49
N HIS A 86 -15.29 -24.29 -19.94
CA HIS A 86 -14.85 -24.84 -18.63
C HIS A 86 -15.73 -24.28 -17.51
N LEU A 87 -16.30 -23.08 -17.67
CA LEU A 87 -17.17 -22.47 -16.63
C LEU A 87 -18.58 -23.03 -16.78
N LEU A 88 -19.07 -23.23 -18.01
CA LEU A 88 -20.35 -23.89 -18.22
C LEU A 88 -20.32 -25.33 -17.69
N ASN A 89 -19.25 -26.08 -17.94
CA ASN A 89 -19.11 -27.43 -17.42
C ASN A 89 -19.09 -27.46 -15.89
N GLU A 90 -18.39 -26.55 -15.20
CA GLU A 90 -18.42 -26.50 -13.74
C GLU A 90 -19.84 -26.29 -13.20
N ALA A 91 -20.65 -25.44 -13.85
CA ALA A 91 -22.04 -25.22 -13.44
C ALA A 91 -22.93 -26.43 -13.74
N GLN A 92 -22.86 -26.99 -14.95
CA GLN A 92 -23.63 -28.17 -15.33
C GLN A 92 -23.27 -29.38 -14.46
N ASN A 93 -21.98 -29.55 -14.15
CA ASN A 93 -21.52 -30.63 -13.30
C ASN A 93 -22.09 -30.54 -11.88
N GLU A 94 -22.32 -29.34 -11.35
CA GLU A 94 -22.95 -29.25 -10.03
C GLU A 94 -24.40 -29.75 -10.05
N LEU A 95 -25.15 -29.57 -11.14
CA LEU A 95 -26.46 -30.20 -11.27
C LEU A 95 -26.33 -31.71 -11.31
N GLU A 96 -25.42 -32.24 -12.13
CA GLU A 96 -25.23 -33.68 -12.28
C GLU A 96 -24.76 -34.38 -10.99
N LEU A 97 -23.97 -33.72 -10.15
CA LEU A 97 -23.59 -34.26 -8.84
C LEU A 97 -24.70 -34.15 -7.81
N SER A 98 -25.68 -33.27 -8.02
CA SER A 98 -26.66 -32.85 -7.03
C SER A 98 -28.09 -33.27 -7.36
N GLU A 99 -28.30 -34.20 -8.29
CA GLU A 99 -29.63 -34.48 -8.89
C GLU A 99 -30.71 -34.87 -7.88
N GLY A 100 -30.35 -35.48 -6.75
CA GLY A 100 -31.31 -35.83 -5.71
C GLY A 100 -31.82 -34.63 -4.88
N SER A 101 -31.18 -33.47 -4.92
CA SER A 101 -31.58 -32.31 -4.11
C SER A 101 -32.87 -31.66 -4.64
N ASP A 102 -33.85 -31.45 -3.77
CA ASP A 102 -34.97 -30.53 -4.01
C ASP A 102 -34.67 -29.10 -3.53
N ASP A 103 -33.66 -28.92 -2.68
CA ASP A 103 -33.15 -27.60 -2.27
C ASP A 103 -32.34 -26.98 -3.41
N ASN A 104 -32.80 -25.83 -3.91
CA ASN A 104 -32.15 -25.10 -5.00
C ASN A 104 -31.14 -24.07 -4.50
N GLU A 105 -31.38 -23.43 -3.36
CA GLU A 105 -30.47 -22.48 -2.74
C GLU A 105 -29.11 -23.13 -2.46
N GLY A 106 -29.08 -24.41 -2.12
CA GLY A 106 -27.87 -25.22 -2.01
C GLY A 106 -27.13 -25.35 -3.34
N ILE A 107 -27.84 -25.60 -4.44
CA ILE A 107 -27.24 -25.66 -5.77
C ILE A 107 -26.65 -24.30 -6.15
N LYS A 108 -27.35 -23.21 -5.83
CA LYS A 108 -26.86 -21.84 -6.06
C LYS A 108 -25.59 -21.57 -5.24
N GLU A 109 -25.58 -21.82 -3.93
CA GLU A 109 -24.39 -21.54 -3.13
C GLU A 109 -23.21 -22.40 -3.57
N ARG A 110 -23.40 -23.70 -3.82
CA ARG A 110 -22.33 -24.59 -4.27
C ARG A 110 -21.80 -24.16 -5.63
N THR A 111 -22.66 -23.82 -6.59
CA THR A 111 -22.22 -23.37 -7.91
C THR A 111 -21.49 -22.04 -7.83
N SER A 112 -22.05 -21.07 -7.13
CA SER A 112 -21.43 -19.76 -6.95
C SER A 112 -20.05 -19.87 -6.35
N PHE A 113 -19.92 -20.65 -5.28
CA PHE A 113 -18.65 -20.89 -4.63
C PHE A 113 -17.66 -21.58 -5.55
N ARG A 114 -18.09 -22.61 -6.29
CA ARG A 114 -17.19 -23.31 -7.21
C ARG A 114 -16.75 -22.45 -8.39
N LEU A 115 -17.61 -21.63 -8.98
CA LEU A 115 -17.20 -20.74 -10.07
C LEU A 115 -16.24 -19.66 -9.58
N GLU A 116 -16.45 -19.03 -8.42
CA GLU A 116 -15.49 -18.01 -7.97
C GLU A 116 -14.11 -18.60 -7.69
N ARG A 117 -14.04 -19.85 -7.23
CA ARG A 117 -12.79 -20.58 -7.06
C ARG A 117 -12.11 -20.83 -8.40
N ARG A 118 -12.84 -21.26 -9.43
CA ARG A 118 -12.29 -21.45 -10.78
C ARG A 118 -11.82 -20.14 -11.39
N VAL A 119 -12.58 -19.05 -11.31
CA VAL A 119 -12.17 -17.74 -11.82
C VAL A 119 -10.91 -17.24 -11.12
N ALA A 120 -10.81 -17.39 -9.79
CA ALA A 120 -9.59 -17.07 -9.07
C ALA A 120 -8.41 -17.92 -9.53
N ALA A 121 -8.59 -19.23 -9.72
CA ALA A 121 -7.55 -20.13 -10.18
C ALA A 121 -7.02 -19.75 -11.56
N VAL A 122 -7.90 -19.44 -12.52
CA VAL A 122 -7.46 -18.97 -13.84
C VAL A 122 -6.77 -17.63 -13.75
N GLY A 123 -7.30 -16.67 -13.01
CA GLY A 123 -6.65 -15.37 -12.83
C GLY A 123 -5.25 -15.48 -12.22
N ARG A 124 -5.09 -16.34 -11.21
CA ARG A 124 -3.80 -16.64 -10.58
C ARG A 124 -2.82 -17.34 -11.53
N GLN A 125 -3.35 -18.16 -12.45
CA GLN A 125 -2.49 -18.86 -13.44
C GLN A 125 -2.04 -17.87 -14.52
N MET A 126 -2.92 -16.96 -14.95
CA MET A 126 -2.53 -15.93 -15.92
C MET A 126 -1.38 -15.06 -15.40
N GLY A 127 -1.31 -14.80 -14.10
CA GLY A 127 -0.30 -13.97 -13.47
C GLY A 127 1.07 -14.62 -13.23
N ARG A 128 1.41 -15.70 -13.93
CA ARG A 128 2.59 -16.55 -13.65
C ARG A 128 3.93 -15.79 -13.61
N GLY A 129 4.21 -14.94 -14.60
CA GLY A 129 5.51 -14.28 -14.73
C GLY A 129 5.67 -13.00 -13.91
N ASN A 130 4.58 -12.40 -13.43
CA ASN A 130 4.62 -11.06 -12.85
C ASN A 130 5.49 -10.93 -11.60
N GLY A 131 5.61 -11.99 -10.78
CA GLY A 131 6.47 -11.95 -9.60
C GLY A 131 7.95 -11.76 -9.96
N TYR A 132 8.40 -12.35 -11.07
CA TYR A 132 9.75 -12.14 -11.58
C TYR A 132 9.91 -10.71 -12.05
N LEU A 133 8.99 -10.20 -12.88
CA LEU A 133 9.09 -8.86 -13.45
C LEU A 133 9.13 -7.77 -12.38
N ALA A 134 8.27 -7.85 -11.35
CA ALA A 134 8.29 -6.90 -10.25
C ALA A 134 9.60 -6.97 -9.46
N THR A 135 10.18 -8.16 -9.31
CA THR A 135 11.49 -8.33 -8.66
C THR A 135 12.59 -7.64 -9.45
N ILE A 136 12.68 -7.88 -10.76
CA ILE A 136 13.70 -7.25 -11.60
C ILE A 136 13.51 -5.74 -11.66
N GLY A 137 12.28 -5.25 -11.74
CA GLY A 137 11.99 -3.82 -11.69
C GLY A 137 12.41 -3.17 -10.37
N ALA A 138 12.27 -3.88 -9.25
CA ALA A 138 12.67 -3.39 -7.94
C ALA A 138 14.19 -3.42 -7.73
N ILE A 139 14.87 -4.54 -8.02
CA ILE A 139 16.28 -4.70 -7.65
C ILE A 139 17.29 -4.20 -8.68
N SER A 140 16.95 -4.12 -9.97
CA SER A 140 17.99 -3.87 -10.99
C SER A 140 18.77 -2.57 -10.78
N PRO A 141 18.17 -1.44 -10.38
CA PRO A 141 18.92 -0.24 -10.05
C PRO A 141 19.95 -0.51 -8.95
N PHE A 142 19.56 -1.20 -7.87
CA PHE A 142 20.45 -1.51 -6.76
C PHE A 142 21.55 -2.49 -7.16
N VAL A 143 21.24 -3.53 -7.94
CA VAL A 143 22.24 -4.49 -8.40
C VAL A 143 23.27 -3.79 -9.29
N GLY A 144 22.82 -2.93 -10.21
CA GLY A 144 23.75 -2.18 -11.05
C GLY A 144 24.60 -1.22 -10.24
N LEU A 145 24.00 -0.50 -9.26
CA LEU A 145 24.69 0.54 -8.43
C LEU A 145 25.59 -0.12 -7.38
N PHE A 146 25.35 -1.36 -7.01
CA PHE A 146 26.33 -2.18 -6.27
C PHE A 146 27.56 -2.49 -7.12
N GLY A 147 27.38 -2.78 -8.41
CA GLY A 147 28.48 -2.87 -9.35
C GLY A 147 29.31 -1.58 -9.41
N THR A 148 28.67 -0.41 -9.43
CA THR A 148 29.44 0.84 -9.36
C THR A 148 30.21 0.98 -8.06
N VAL A 149 29.60 0.73 -6.90
CA VAL A 149 30.26 0.94 -5.61
C VAL A 149 31.49 0.07 -5.50
N TRP A 150 31.41 -1.20 -5.90
CA TRP A 150 32.59 -2.06 -5.92
C TRP A 150 33.65 -1.59 -6.92
N GLY A 151 33.25 -1.11 -8.10
CA GLY A 151 34.17 -0.52 -9.07
C GLY A 151 34.87 0.72 -8.53
N ILE A 152 34.16 1.60 -7.81
CA ILE A 152 34.75 2.77 -7.16
C ILE A 152 35.69 2.36 -6.03
N MET A 153 35.34 1.36 -5.22
CA MET A 153 36.26 0.79 -4.22
C MET A 153 37.54 0.30 -4.88
N ASN A 154 37.47 -0.45 -5.98
CA ASN A 154 38.68 -0.86 -6.71
C ASN A 154 39.46 0.33 -7.24
N SER A 155 38.81 1.35 -7.80
CA SER A 155 39.49 2.54 -8.30
C SER A 155 40.24 3.28 -7.18
N PHE A 156 39.58 3.48 -6.05
CA PHE A 156 40.15 4.09 -4.86
C PHE A 156 41.29 3.27 -4.25
N ILE A 157 41.14 1.95 -4.14
CA ILE A 157 42.24 1.05 -3.75
C ILE A 157 43.39 1.14 -4.75
N GLY A 158 43.11 1.27 -6.05
CA GLY A 158 44.12 1.44 -7.09
C GLY A 158 45.03 2.65 -6.83
N ILE A 159 44.50 3.75 -6.29
CA ILE A 159 45.30 4.91 -5.88
C ILE A 159 46.23 4.53 -4.71
N ALA A 160 45.73 3.81 -3.71
CA ALA A 160 46.56 3.36 -2.60
C ALA A 160 47.59 2.26 -2.97
N GLN A 161 47.31 1.52 -4.05
CA GLN A 161 48.22 0.43 -4.51
C GLN A 161 49.30 1.03 -5.41
N THR A 162 48.98 2.10 -6.15
CA THR A 162 49.93 2.80 -7.04
C THR A 162 49.67 4.29 -6.93
N GLN A 163 50.41 4.96 -6.04
CA GLN A 163 50.15 6.34 -5.66
C GLN A 163 50.26 7.29 -6.87
N THR A 164 49.20 8.06 -7.13
CA THR A 164 49.05 8.89 -8.33
C THR A 164 48.30 10.19 -8.04
N THR A 165 48.50 11.21 -8.89
CA THR A 165 48.19 12.61 -8.61
C THR A 165 47.46 13.34 -9.73
N ASN A 166 46.93 12.62 -10.74
CA ASN A 166 46.12 13.20 -11.81
C ASN A 166 44.87 12.36 -12.10
N LEU A 167 43.72 12.99 -12.37
CA LEU A 167 42.47 12.25 -12.54
C LEU A 167 42.38 11.45 -13.85
N ALA A 168 43.16 11.78 -14.87
CA ALA A 168 43.11 11.07 -16.16
C ALA A 168 43.54 9.60 -16.06
N VAL A 169 44.36 9.24 -15.06
CA VAL A 169 44.68 7.84 -14.76
C VAL A 169 43.47 7.06 -14.21
N VAL A 170 42.64 7.68 -13.36
CA VAL A 170 41.49 7.01 -12.72
C VAL A 170 40.19 7.16 -13.51
N ALA A 171 40.09 8.12 -14.42
CA ALA A 171 38.89 8.36 -15.24
C ALA A 171 38.39 7.12 -16.00
N PRO A 172 39.23 6.27 -16.61
CA PRO A 172 38.78 4.99 -17.16
C PRO A 172 38.07 4.13 -16.11
N GLY A 173 38.64 4.00 -14.92
CA GLY A 173 38.03 3.27 -13.81
C GLY A 173 36.68 3.83 -13.38
N ILE A 174 36.49 5.15 -13.45
CA ILE A 174 35.18 5.76 -13.20
C ILE A 174 34.18 5.38 -14.29
N ALA A 175 34.55 5.45 -15.57
CA ALA A 175 33.66 5.02 -16.65
C ALA A 175 33.34 3.51 -16.56
N GLU A 176 34.35 2.67 -16.34
CA GLU A 176 34.19 1.23 -16.13
C GLU A 176 33.21 0.93 -15.00
N ALA A 177 33.24 1.71 -13.92
CA ALA A 177 32.28 1.57 -12.83
C ALA A 177 30.89 2.04 -13.25
N LEU A 178 30.73 3.29 -13.69
CA LEU A 178 29.42 3.92 -13.96
C LEU A 178 28.58 3.15 -14.98
N LEU A 179 29.20 2.44 -15.93
CA LEU A 179 28.51 1.57 -16.87
C LEU A 179 27.60 0.54 -16.17
N ALA A 180 27.98 0.04 -14.99
CA ALA A 180 27.16 -0.92 -14.27
C ALA A 180 25.81 -0.33 -13.82
N THR A 181 25.74 0.97 -13.50
CA THR A 181 24.45 1.62 -13.27
C THR A 181 23.69 1.85 -14.56
N ALA A 182 24.35 2.23 -15.65
CA ALA A 182 23.67 2.41 -16.93
C ALA A 182 22.95 1.11 -17.34
N ILE A 183 23.65 -0.02 -17.30
CA ILE A 183 23.07 -1.33 -17.55
C ILE A 183 22.00 -1.68 -16.52
N GLY A 184 22.17 -1.27 -15.25
CA GLY A 184 21.16 -1.41 -14.21
C GLY A 184 19.82 -0.76 -14.56
N LEU A 185 19.82 0.48 -15.03
CA LEU A 185 18.58 1.12 -15.48
C LEU A 185 18.06 0.55 -16.79
N VAL A 186 18.92 0.17 -17.73
CA VAL A 186 18.49 -0.48 -18.98
C VAL A 186 17.80 -1.81 -18.73
N ALA A 187 18.17 -2.53 -17.66
CA ALA A 187 17.41 -3.70 -17.21
C ALA A 187 16.11 -3.33 -16.48
N ALA A 188 16.12 -2.28 -15.66
CA ALA A 188 14.97 -1.88 -14.84
C ALA A 188 13.80 -1.34 -15.65
N ILE A 189 14.05 -0.44 -16.60
CA ILE A 189 13.00 0.31 -17.29
C ILE A 189 12.06 -0.62 -18.07
N PRO A 190 12.52 -1.52 -18.94
CA PRO A 190 11.65 -2.50 -19.56
C PRO A 190 10.86 -3.30 -18.55
N ALA A 191 11.48 -3.77 -17.46
CA ALA A 191 10.79 -4.59 -16.48
C ALA A 191 9.60 -3.87 -15.86
N VAL A 192 9.73 -2.58 -15.54
CA VAL A 192 8.62 -1.78 -14.99
C VAL A 192 7.54 -1.51 -16.04
N VAL A 193 7.91 -1.18 -17.29
CA VAL A 193 6.93 -1.00 -18.38
C VAL A 193 6.15 -2.29 -18.62
N ILE A 194 6.85 -3.39 -18.84
CA ILE A 194 6.25 -4.69 -19.14
C ILE A 194 5.38 -5.14 -17.98
N TYR A 195 5.84 -4.98 -16.74
CA TYR A 195 5.03 -5.29 -15.57
C TYR A 195 3.74 -4.49 -15.54
N ASN A 196 3.77 -3.18 -15.76
CA ASN A 196 2.55 -2.37 -15.77
C ASN A 196 1.60 -2.75 -16.91
N VAL A 197 2.12 -3.03 -18.10
CA VAL A 197 1.28 -3.52 -19.21
C VAL A 197 0.57 -4.79 -18.78
N PHE A 198 1.26 -5.78 -18.23
CA PHE A 198 0.61 -7.02 -17.82
C PHE A 198 -0.28 -6.88 -16.60
N ALA A 199 0.04 -6.04 -15.62
CA ALA A 199 -0.85 -5.79 -14.49
C ALA A 199 -2.21 -5.26 -14.97
N ARG A 200 -2.20 -4.34 -15.94
CA ARG A 200 -3.42 -3.80 -16.55
C ARG A 200 -4.13 -4.81 -17.46
N GLN A 201 -3.41 -5.59 -18.26
CA GLN A 201 -4.00 -6.65 -19.06
C GLN A 201 -4.70 -7.69 -18.18
N ILE A 202 -4.06 -8.16 -17.10
CA ILE A 202 -4.63 -9.14 -16.17
C ILE A 202 -5.87 -8.57 -15.50
N GLY A 203 -5.86 -7.33 -15.03
CA GLY A 203 -7.04 -6.72 -14.42
C GLY A 203 -8.25 -6.71 -15.36
N GLY A 204 -8.04 -6.31 -16.61
CA GLY A 204 -9.10 -6.35 -17.63
C GLY A 204 -9.56 -7.76 -17.96
N PHE A 205 -8.64 -8.72 -18.03
CA PHE A 205 -8.97 -10.11 -18.32
C PHE A 205 -9.71 -10.79 -17.18
N LYS A 206 -9.26 -10.67 -15.93
CA LYS A 206 -9.97 -11.23 -14.77
C LYS A 206 -11.39 -10.68 -14.67
N ALA A 207 -11.57 -9.40 -14.96
CA ALA A 207 -12.89 -8.80 -15.00
C ALA A 207 -13.75 -9.35 -16.15
N MET A 208 -13.21 -9.49 -17.35
CA MET A 208 -13.94 -10.08 -18.47
C MET A 208 -14.35 -11.53 -18.18
N LEU A 209 -13.45 -12.33 -17.60
CA LEU A 209 -13.73 -13.71 -17.20
C LEU A 209 -14.77 -13.75 -16.08
N GLY A 210 -14.67 -12.86 -15.10
CA GLY A 210 -15.66 -12.72 -14.04
C GLY A 210 -17.03 -12.33 -14.58
N ASP A 211 -17.12 -11.51 -15.62
CA ASP A 211 -18.37 -11.16 -16.28
C ASP A 211 -18.99 -12.34 -17.05
N VAL A 212 -18.17 -13.21 -17.64
CA VAL A 212 -18.66 -14.49 -18.18
C VAL A 212 -19.16 -15.41 -17.07
N ALA A 213 -18.40 -15.59 -15.99
CA ALA A 213 -18.82 -16.41 -14.88
C ALA A 213 -20.12 -15.89 -14.23
N ALA A 214 -20.26 -14.57 -14.11
CA ALA A 214 -21.49 -13.95 -13.63
C ALA A 214 -22.68 -14.27 -14.53
N GLN A 215 -22.52 -14.26 -15.85
CA GLN A 215 -23.60 -14.68 -16.74
C GLN A 215 -24.01 -16.13 -16.48
N VAL A 216 -23.06 -17.04 -16.24
CA VAL A 216 -23.38 -18.44 -15.95
C VAL A 216 -24.20 -18.57 -14.67
N LEU A 217 -23.84 -17.87 -13.59
CA LEU A 217 -24.61 -17.88 -12.35
C LEU A 217 -26.00 -17.30 -12.53
N LEU A 218 -26.12 -16.22 -13.28
CA LEU A 218 -27.42 -15.62 -13.58
C LEU A 218 -28.31 -16.59 -14.36
N LEU A 219 -27.80 -17.22 -15.41
CA LEU A 219 -28.55 -18.20 -16.19
C LEU A 219 -29.01 -19.38 -15.34
N GLN A 220 -28.12 -19.97 -14.54
CA GLN A 220 -28.49 -21.09 -13.69
C GLN A 220 -29.52 -20.68 -12.64
N SER A 221 -29.28 -19.58 -11.93
CA SER A 221 -30.17 -19.14 -10.86
C SER A 221 -31.56 -18.82 -11.39
N ARG A 222 -31.65 -18.14 -12.53
CA ARG A 222 -32.94 -17.83 -13.16
C ARG A 222 -33.67 -19.09 -13.62
N ASP A 223 -32.96 -20.06 -14.18
CA ASP A 223 -33.57 -21.32 -14.61
C ASP A 223 -34.09 -22.14 -13.43
N LEU A 224 -33.37 -22.21 -12.32
CA LEU A 224 -33.84 -22.93 -11.12
C LEU A 224 -35.14 -22.31 -10.58
N ASP A 225 -35.22 -20.98 -10.48
CA ASP A 225 -36.43 -20.31 -10.00
C ASP A 225 -37.62 -20.54 -10.93
N LEU A 226 -37.41 -20.50 -12.24
CA LEU A 226 -38.48 -20.76 -13.22
C LEU A 226 -38.92 -22.22 -13.21
N GLU A 227 -37.99 -23.16 -13.10
CA GLU A 227 -38.31 -24.59 -12.96
C GLU A 227 -39.10 -24.85 -11.67
N ALA A 228 -38.69 -24.26 -10.55
CA ALA A 228 -39.42 -24.37 -9.29
C ALA A 228 -40.82 -23.76 -9.38
N SER A 229 -40.95 -22.61 -10.03
CA SER A 229 -42.24 -21.93 -10.22
C SER A 229 -43.20 -22.71 -11.11
N ALA A 230 -42.69 -23.52 -12.05
CA ALA A 230 -43.52 -24.38 -12.90
C ALA A 230 -44.28 -25.49 -12.14
N ALA A 231 -43.96 -25.74 -10.86
CA ALA A 231 -44.75 -26.61 -9.99
C ALA A 231 -46.13 -26.01 -9.60
N ALA A 232 -46.37 -24.72 -9.82
CA ALA A 232 -47.65 -24.06 -9.54
C ALA A 232 -48.79 -24.66 -10.39
N MET B 6 47.05 5.61 5.88
CA MET B 6 45.87 5.17 5.10
C MET B 6 46.23 4.72 3.67
N GLN B 7 46.53 5.65 2.75
CA GLN B 7 46.67 5.34 1.32
C GLN B 7 48.02 4.68 0.92
N THR B 8 48.34 3.51 1.48
CA THR B 8 49.50 2.69 1.07
C THR B 8 49.22 1.21 1.34
N ASP B 9 49.29 0.39 0.29
CA ASP B 9 49.02 -1.06 0.33
C ASP B 9 47.66 -1.43 0.96
N LEU B 10 46.61 -0.70 0.57
CA LEU B 10 45.26 -0.87 1.10
C LEU B 10 44.56 -2.12 0.54
N SER B 11 43.59 -2.64 1.30
CA SER B 11 42.68 -3.72 0.92
C SER B 11 41.28 -3.42 1.47
N VAL B 12 40.25 -4.10 0.99
CA VAL B 12 38.88 -3.88 1.50
C VAL B 12 38.80 -4.17 3.01
N TRP B 13 39.48 -5.20 3.51
CA TRP B 13 39.52 -5.43 4.95
C TRP B 13 40.30 -4.35 5.70
N GLY B 14 41.41 -3.86 5.15
CA GLY B 14 42.10 -2.69 5.73
C GLY B 14 41.21 -1.45 5.77
N MET B 15 40.34 -1.30 4.79
CA MET B 15 39.34 -0.23 4.74
C MET B 15 38.33 -0.33 5.89
N TYR B 16 37.92 -1.54 6.26
CA TYR B 16 37.13 -1.78 7.48
C TYR B 16 37.96 -1.62 8.75
N GLN B 17 39.25 -1.93 8.72
CA GLN B 17 40.11 -1.86 9.93
C GLN B 17 40.31 -0.41 10.40
N HIS B 18 40.42 0.55 9.48
CA HIS B 18 40.56 1.97 9.81
C HIS B 18 39.23 2.75 9.97
N ALA B 19 38.09 2.08 9.79
CA ALA B 19 36.77 2.74 9.88
C ALA B 19 36.54 3.35 11.27
N ASP B 20 35.58 4.27 11.36
CA ASP B 20 35.20 4.87 12.67
C ASP B 20 34.38 3.82 13.43
N ILE B 21 34.22 3.99 14.74
CA ILE B 21 33.52 2.94 15.54
C ILE B 21 32.01 2.99 15.29
N VAL B 22 31.50 4.11 14.74
CA VAL B 22 30.04 4.27 14.48
C VAL B 22 29.70 3.55 13.18
N VAL B 23 30.64 3.51 12.24
CA VAL B 23 30.46 2.86 10.94
C VAL B 23 30.79 1.38 11.01
N LYS B 24 31.73 0.94 11.87
CA LYS B 24 31.90 -0.49 12.19
C LYS B 24 30.61 -1.08 12.75
N CYS B 25 30.00 -0.48 13.77
CA CYS B 25 28.75 -0.97 14.33
C CYS B 25 27.64 -1.04 13.28
N VAL B 26 27.51 -0.04 12.42
CA VAL B 26 26.54 -0.04 11.31
C VAL B 26 26.76 -1.25 10.41
N MET B 27 27.97 -1.46 9.90
CA MET B 27 28.17 -2.54 8.93
C MET B 27 28.19 -3.93 9.59
N ILE B 28 28.66 -4.07 10.83
CA ILE B 28 28.53 -5.32 11.58
C ILE B 28 27.05 -5.64 11.85
N GLY B 29 26.25 -4.64 12.21
CA GLY B 29 24.81 -4.80 12.37
C GLY B 29 24.12 -5.25 11.09
N LEU B 30 24.47 -4.66 9.96
CA LEU B 30 23.94 -5.08 8.65
C LEU B 30 24.42 -6.47 8.25
N ILE B 31 25.67 -6.85 8.52
CA ILE B 31 26.15 -8.21 8.26
C ILE B 31 25.30 -9.20 9.05
N LEU B 32 25.11 -9.01 10.35
CA LEU B 32 24.24 -9.89 11.15
C LEU B 32 22.82 -9.92 10.60
N ALA B 33 22.24 -8.79 10.22
CA ALA B 33 20.91 -8.76 9.62
C ALA B 33 20.82 -9.55 8.31
N SER B 34 21.89 -9.58 7.51
CA SER B 34 21.97 -10.43 6.32
C SER B 34 22.13 -11.91 6.67
N VAL B 35 22.87 -12.26 7.71
CA VAL B 35 23.01 -13.66 8.15
C VAL B 35 21.66 -14.22 8.60
N VAL B 36 20.89 -13.46 9.37
CA VAL B 36 19.52 -13.84 9.73
C VAL B 36 18.61 -13.93 8.50
N THR B 37 18.80 -13.08 7.49
CA THR B 37 18.04 -13.16 6.23
C THR B 37 18.27 -14.50 5.54
N TRP B 38 19.52 -14.94 5.38
CA TRP B 38 19.81 -16.23 4.78
C TRP B 38 19.38 -17.41 5.64
N ALA B 39 19.48 -17.31 6.97
CA ALA B 39 18.94 -18.34 7.86
C ALA B 39 17.43 -18.52 7.69
N ILE B 40 16.68 -17.42 7.57
CA ILE B 40 15.24 -17.48 7.28
C ILE B 40 14.99 -18.08 5.90
N PHE B 41 15.74 -17.69 4.86
CA PHE B 41 15.58 -18.26 3.53
C PHE B 41 15.76 -19.78 3.52
N PHE B 42 16.85 -20.31 4.07
CA PHE B 42 17.05 -21.75 4.10
C PHE B 42 16.00 -22.46 4.96
N SER B 43 15.63 -21.90 6.12
CA SER B 43 14.62 -22.51 6.99
C SER B 43 13.23 -22.55 6.35
N LYS B 44 12.74 -21.42 5.85
CA LYS B 44 11.41 -21.31 5.25
C LYS B 44 11.31 -22.01 3.91
N SER B 45 12.30 -21.93 3.04
CA SER B 45 12.19 -22.57 1.72
C SER B 45 12.08 -24.09 1.82
N VAL B 46 12.78 -24.71 2.78
CA VAL B 46 12.61 -26.14 3.08
C VAL B 46 11.20 -26.43 3.60
N GLU B 47 10.67 -25.61 4.50
CA GLU B 47 9.31 -25.80 5.00
C GLU B 47 8.25 -25.63 3.90
N PHE B 48 8.31 -24.58 3.08
CA PHE B 48 7.41 -24.41 1.95
C PHE B 48 7.48 -25.58 0.98
N PHE B 49 8.68 -26.08 0.66
CA PHE B 49 8.79 -27.23 -0.22
C PHE B 49 8.07 -28.44 0.38
N ASN B 50 8.36 -28.79 1.64
CA ASN B 50 7.72 -29.93 2.28
C ASN B 50 6.20 -29.77 2.40
N GLN B 51 5.71 -28.62 2.87
CA GLN B 51 4.28 -28.37 3.03
C GLN B 51 3.56 -28.34 1.69
N LYS B 52 4.07 -27.63 0.68
CA LYS B 52 3.42 -27.56 -0.63
C LYS B 52 3.45 -28.89 -1.37
N ARG B 53 4.57 -29.62 -1.31
CA ARG B 53 4.69 -30.97 -1.89
C ARG B 53 3.72 -31.94 -1.24
N ARG B 54 3.54 -31.88 0.08
CA ARG B 54 2.51 -32.68 0.77
C ARG B 54 1.12 -32.26 0.32
N LEU B 55 0.74 -30.99 0.45
CA LEU B 55 -0.63 -30.52 0.21
C LEU B 55 -1.08 -30.80 -1.23
N LYS B 56 -0.21 -30.64 -2.23
CA LYS B 56 -0.49 -31.01 -3.62
C LYS B 56 -0.86 -32.50 -3.74
N ARG B 57 -0.12 -33.39 -3.08
CA ARG B 57 -0.43 -34.81 -3.05
C ARG B 57 -1.79 -35.06 -2.39
N GLU B 58 -2.07 -34.47 -1.22
CA GLU B 58 -3.34 -34.68 -0.54
C GLU B 58 -4.52 -34.24 -1.41
N GLN B 59 -4.42 -33.08 -2.07
CA GLN B 59 -5.48 -32.59 -2.95
C GLN B 59 -5.71 -33.55 -4.12
N GLN B 60 -4.66 -34.02 -4.77
CA GLN B 60 -4.78 -34.99 -5.85
C GLN B 60 -5.40 -36.30 -5.37
N LEU B 61 -5.08 -36.78 -4.17
CA LEU B 61 -5.70 -37.99 -3.60
C LEU B 61 -7.17 -37.79 -3.23
N LEU B 62 -7.60 -36.58 -2.89
CA LEU B 62 -9.00 -36.28 -2.60
C LEU B 62 -9.84 -35.97 -3.84
N ALA B 63 -9.24 -35.72 -5.01
CA ALA B 63 -9.98 -35.27 -6.18
C ALA B 63 -11.10 -36.23 -6.62
N GLU B 64 -10.95 -37.55 -6.44
CA GLU B 64 -12.00 -38.52 -6.73
C GLU B 64 -13.10 -38.64 -5.67
N ALA B 65 -13.00 -37.99 -4.51
CA ALA B 65 -14.01 -38.09 -3.47
C ALA B 65 -15.35 -37.48 -3.90
N ARG B 66 -16.45 -38.21 -3.70
CA ARG B 66 -17.82 -37.78 -4.00
C ARG B 66 -18.76 -37.72 -2.79
N SER B 67 -18.25 -38.00 -1.59
CA SER B 67 -18.97 -37.80 -0.33
C SER B 67 -17.98 -37.50 0.79
N LEU B 68 -18.44 -36.89 1.89
CA LEU B 68 -17.57 -36.60 3.01
C LEU B 68 -17.05 -37.88 3.69
N ASN B 69 -17.82 -38.97 3.66
CA ASN B 69 -17.35 -40.28 4.13
C ASN B 69 -16.18 -40.82 3.28
N GLN B 70 -16.22 -40.69 1.95
CA GLN B 70 -15.07 -41.05 1.11
C GLN B 70 -13.86 -40.17 1.42
N ALA B 71 -14.03 -38.87 1.58
CA ALA B 71 -12.92 -38.00 1.91
C ALA B 71 -12.28 -38.39 3.26
N ASN B 72 -13.14 -38.71 4.24
CA ASN B 72 -12.67 -39.06 5.61
C ASN B 72 -11.86 -40.35 5.57
N ASP B 73 -12.29 -41.35 4.79
CA ASP B 73 -11.58 -42.65 4.78
C ASP B 73 -10.28 -42.51 3.99
N ILE B 74 -10.32 -41.81 2.85
CA ILE B 74 -9.10 -41.58 2.04
C ILE B 74 -8.08 -40.88 2.94
N ALA B 75 -8.53 -39.87 3.69
CA ALA B 75 -7.63 -39.06 4.49
C ALA B 75 -7.11 -39.74 5.76
N ALA B 76 -7.74 -40.83 6.22
CA ALA B 76 -7.25 -41.60 7.36
C ALA B 76 -5.81 -42.13 7.16
N ASP B 77 -5.35 -42.28 5.91
CA ASP B 77 -3.97 -42.66 5.58
C ASP B 77 -2.96 -41.51 5.72
N PHE B 78 -3.45 -40.26 5.78
CA PHE B 78 -2.56 -39.08 5.86
C PHE B 78 -1.94 -38.99 7.26
N GLY B 79 -0.72 -38.45 7.36
CA GLY B 79 -0.05 -38.26 8.64
C GLY B 79 -0.79 -37.27 9.55
N SER B 80 -0.61 -37.38 10.86
CA SER B 80 -1.29 -36.53 11.86
C SER B 80 -0.97 -35.04 11.73
N LYS B 81 0.12 -34.69 11.05
CA LYS B 81 0.49 -33.30 10.71
C LYS B 81 -0.18 -32.78 9.42
N SER B 82 -0.94 -33.59 8.69
CA SER B 82 -1.51 -33.21 7.40
C SER B 82 -2.62 -32.17 7.56
N LEU B 83 -2.46 -31.02 6.93
CA LEU B 83 -3.44 -29.95 6.95
C LEU B 83 -4.77 -30.38 6.33
N SER B 84 -4.74 -31.22 5.31
CA SER B 84 -5.94 -31.72 4.66
C SER B 84 -6.77 -32.61 5.60
N LEU B 85 -6.14 -33.52 6.34
CA LEU B 85 -6.82 -34.29 7.38
C LEU B 85 -7.33 -33.36 8.49
N HIS B 86 -6.56 -32.34 8.85
CA HIS B 86 -6.93 -31.40 9.89
C HIS B 86 -8.21 -30.64 9.55
N LEU B 87 -8.35 -30.18 8.31
CA LEU B 87 -9.59 -29.57 7.81
C LEU B 87 -10.74 -30.57 7.77
N LEU B 88 -10.53 -31.81 7.35
CA LEU B 88 -11.60 -32.81 7.38
C LEU B 88 -12.05 -33.13 8.81
N ASN B 89 -11.14 -33.23 9.78
CA ASN B 89 -11.52 -33.41 11.18
C ASN B 89 -12.27 -32.18 11.71
N GLU B 90 -11.89 -30.97 11.31
CA GLU B 90 -12.61 -29.75 11.69
C GLU B 90 -14.06 -29.77 11.18
N ALA B 91 -14.29 -30.25 9.96
CA ALA B 91 -15.65 -30.41 9.42
C ALA B 91 -16.41 -31.58 10.09
N GLN B 92 -15.77 -32.73 10.30
CA GLN B 92 -16.40 -33.88 10.94
C GLN B 92 -16.83 -33.55 12.37
N ASN B 93 -15.98 -32.83 13.09
CA ASN B 93 -16.28 -32.43 14.46
C ASN B 93 -17.48 -31.49 14.54
N GLU B 94 -17.75 -30.69 13.52
CA GLU B 94 -18.93 -29.83 13.54
C GLU B 94 -20.23 -30.61 13.38
N LEU B 95 -20.21 -31.78 12.72
CA LEU B 95 -21.34 -32.71 12.73
C LEU B 95 -21.50 -33.37 14.09
N GLU B 96 -20.42 -33.90 14.68
CA GLU B 96 -20.51 -34.62 15.95
C GLU B 96 -20.79 -33.71 17.16
N LEU B 97 -20.73 -32.39 16.99
CA LEU B 97 -21.20 -31.38 17.95
C LEU B 97 -22.54 -30.72 17.55
N SER B 98 -23.27 -31.30 16.60
CA SER B 98 -24.57 -30.79 16.13
C SER B 98 -25.63 -31.90 16.03
N GLU B 99 -25.41 -33.04 16.69
CA GLU B 99 -26.07 -34.31 16.37
C GLU B 99 -27.59 -34.26 16.53
N GLY B 100 -28.06 -33.57 17.56
CA GLY B 100 -29.49 -33.44 17.85
C GLY B 100 -30.22 -32.36 17.05
N SER B 101 -29.51 -31.52 16.31
CA SER B 101 -30.11 -30.43 15.53
C SER B 101 -30.70 -30.92 14.21
N ASP B 102 -31.71 -30.22 13.70
CA ASP B 102 -32.29 -30.43 12.38
C ASP B 102 -31.97 -29.29 11.39
N ASP B 103 -31.34 -28.22 11.87
CA ASP B 103 -31.00 -27.03 11.08
C ASP B 103 -29.70 -27.23 10.30
N ASN B 104 -29.78 -27.86 9.13
CA ASN B 104 -28.62 -28.10 8.29
C ASN B 104 -27.96 -26.79 7.81
N GLU B 105 -28.72 -25.70 7.64
CA GLU B 105 -28.15 -24.40 7.31
C GLU B 105 -27.26 -23.87 8.44
N GLY B 106 -27.64 -24.13 9.69
CA GLY B 106 -26.80 -23.86 10.85
C GLY B 106 -25.48 -24.65 10.78
N ILE B 107 -25.54 -25.95 10.49
CA ILE B 107 -24.34 -26.78 10.35
C ILE B 107 -23.43 -26.24 9.24
N LYS B 108 -24.01 -25.89 8.08
CA LYS B 108 -23.26 -25.37 6.94
C LYS B 108 -22.59 -24.03 7.26
N GLU B 109 -23.31 -23.07 7.85
CA GLU B 109 -22.69 -21.78 8.17
C GLU B 109 -21.62 -21.92 9.25
N ARG B 110 -21.83 -22.74 10.29
CA ARG B 110 -20.79 -22.97 11.31
C ARG B 110 -19.57 -23.62 10.72
N THR B 111 -19.74 -24.65 9.89
CA THR B 111 -18.59 -25.32 9.27
C THR B 111 -17.83 -24.38 8.35
N SER B 112 -18.55 -23.59 7.56
CA SER B 112 -17.94 -22.56 6.70
C SER B 112 -17.09 -21.60 7.53
N PHE B 113 -17.62 -21.11 8.65
CA PHE B 113 -16.90 -20.21 9.52
C PHE B 113 -15.68 -20.86 10.17
N ARG B 114 -15.81 -22.09 10.71
CA ARG B 114 -14.67 -22.82 11.29
C ARG B 114 -13.54 -23.02 10.29
N LEU B 115 -13.84 -23.56 9.11
CA LEU B 115 -12.81 -23.83 8.11
C LEU B 115 -12.16 -22.55 7.61
N GLU B 116 -12.93 -21.48 7.40
CA GLU B 116 -12.36 -20.17 7.04
C GLU B 116 -11.37 -19.68 8.10
N ARG B 117 -11.72 -19.81 9.38
CA ARG B 117 -10.80 -19.44 10.48
C ARG B 117 -9.56 -20.31 10.50
N ARG B 118 -9.66 -21.62 10.28
CA ARG B 118 -8.48 -22.49 10.20
C ARG B 118 -7.59 -22.16 9.01
N VAL B 119 -8.15 -21.95 7.82
CA VAL B 119 -7.36 -21.57 6.64
C VAL B 119 -6.62 -20.26 6.88
N ALA B 120 -7.28 -19.25 7.45
CA ALA B 120 -6.62 -18.01 7.83
C ALA B 120 -5.51 -18.25 8.85
N ALA B 121 -5.76 -19.02 9.91
CA ALA B 121 -4.78 -19.32 10.93
C ALA B 121 -3.55 -20.06 10.38
N VAL B 122 -3.73 -21.04 9.50
CA VAL B 122 -2.61 -21.75 8.88
C VAL B 122 -1.82 -20.82 7.98
N GLY B 123 -2.46 -19.97 7.18
CA GLY B 123 -1.76 -18.96 6.39
C GLY B 123 -0.96 -17.98 7.25
N ARG B 124 -1.57 -17.50 8.34
CA ARG B 124 -0.96 -16.61 9.33
C ARG B 124 0.25 -17.22 10.03
N GLN B 125 0.24 -18.55 10.21
CA GLN B 125 1.37 -19.27 10.84
C GLN B 125 2.44 -19.56 9.79
N MET B 126 2.04 -19.85 8.55
CA MET B 126 2.97 -20.14 7.47
C MET B 126 3.84 -18.91 7.12
N GLY B 127 3.32 -17.70 7.34
CA GLY B 127 4.04 -16.44 7.12
C GLY B 127 5.02 -16.02 8.24
N ARG B 128 5.30 -16.87 9.23
CA ARG B 128 6.00 -16.54 10.49
C ARG B 128 7.16 -15.54 10.40
N GLY B 129 8.12 -15.76 9.51
CA GLY B 129 9.31 -14.92 9.39
C GLY B 129 9.18 -13.70 8.46
N ASN B 130 8.10 -13.57 7.70
CA ASN B 130 8.06 -12.63 6.57
C ASN B 130 8.16 -11.17 7.00
N GLY B 131 7.70 -10.82 8.19
CA GLY B 131 7.77 -9.44 8.68
C GLY B 131 9.19 -8.97 8.97
N TYR B 132 10.07 -9.87 9.40
CA TYR B 132 11.49 -9.56 9.51
C TYR B 132 12.09 -9.24 8.15
N LEU B 133 11.83 -10.09 7.14
CA LEU B 133 12.36 -9.89 5.79
C LEU B 133 11.89 -8.56 5.18
N ALA B 134 10.60 -8.25 5.29
CA ALA B 134 10.07 -6.98 4.83
C ALA B 134 10.73 -5.80 5.53
N THR B 135 11.04 -5.93 6.82
CA THR B 135 11.72 -4.87 7.58
C THR B 135 13.13 -4.65 7.07
N ILE B 136 13.95 -5.70 6.91
CA ILE B 136 15.32 -5.52 6.41
C ILE B 136 15.33 -4.96 5.00
N GLY B 137 14.49 -5.48 4.11
CA GLY B 137 14.42 -4.97 2.74
C GLY B 137 14.04 -3.49 2.65
N ALA B 138 13.15 -3.02 3.52
CA ALA B 138 12.74 -1.62 3.56
C ALA B 138 13.76 -0.71 4.26
N ILE B 139 14.34 -1.14 5.39
CA ILE B 139 15.15 -0.26 6.25
C ILE B 139 16.64 -0.31 5.96
N SER B 140 17.21 -1.44 5.53
CA SER B 140 18.67 -1.53 5.39
C SER B 140 19.28 -0.52 4.41
N PRO B 141 18.62 -0.08 3.32
CA PRO B 141 19.12 1.02 2.50
C PRO B 141 19.39 2.28 3.33
N PHE B 142 18.47 2.65 4.23
CA PHE B 142 18.61 3.85 5.04
C PHE B 142 19.61 3.68 6.19
N VAL B 143 19.76 2.48 6.73
CA VAL B 143 20.85 2.19 7.68
C VAL B 143 22.21 2.31 7.00
N GLY B 144 22.34 1.81 5.76
CA GLY B 144 23.54 2.04 4.95
C GLY B 144 23.78 3.53 4.69
N LEU B 145 22.74 4.25 4.29
CA LEU B 145 22.79 5.70 4.05
C LEU B 145 23.32 6.46 5.26
N PHE B 146 22.84 6.15 6.47
CA PHE B 146 23.35 6.75 7.70
C PHE B 146 24.87 6.58 7.84
N GLY B 147 25.39 5.37 7.59
CA GLY B 147 26.83 5.16 7.58
C GLY B 147 27.54 5.97 6.50
N THR B 148 26.94 6.15 5.32
CA THR B 148 27.54 7.02 4.29
C THR B 148 27.62 8.47 4.76
N VAL B 149 26.55 8.98 5.36
CA VAL B 149 26.50 10.34 5.89
C VAL B 149 27.56 10.52 6.96
N TRP B 150 27.74 9.54 7.84
CA TRP B 150 28.78 9.60 8.84
C TRP B 150 30.19 9.60 8.22
N GLY B 151 30.43 8.79 7.19
CA GLY B 151 31.71 8.79 6.48
C GLY B 151 31.99 10.12 5.78
N ILE B 152 30.99 10.66 5.08
CA ILE B 152 31.11 11.97 4.42
C ILE B 152 31.38 13.03 5.47
N MET B 153 30.67 13.04 6.59
CA MET B 153 30.92 13.94 7.70
C MET B 153 32.36 13.81 8.20
N ASN B 154 32.84 12.61 8.48
CA ASN B 154 34.21 12.40 8.91
C ASN B 154 35.24 12.89 7.89
N SER B 155 34.92 12.89 6.60
CA SER B 155 35.80 13.47 5.59
C SER B 155 35.96 14.98 5.79
N PHE B 156 34.88 15.70 6.11
CA PHE B 156 34.96 17.12 6.45
C PHE B 156 35.63 17.36 7.80
N ILE B 157 35.44 16.49 8.79
CA ILE B 157 36.22 16.56 10.03
C ILE B 157 37.72 16.47 9.71
N GLY B 158 38.12 15.57 8.81
CA GLY B 158 39.49 15.46 8.35
C GLY B 158 40.02 16.76 7.72
N ILE B 159 39.26 17.35 6.80
CA ILE B 159 39.64 18.63 6.18
C ILE B 159 39.77 19.73 7.24
N ALA B 160 38.81 19.85 8.15
CA ALA B 160 38.83 20.87 9.19
C ALA B 160 39.99 20.68 10.17
N GLN B 161 40.24 19.46 10.65
CA GLN B 161 41.32 19.15 11.58
C GLN B 161 42.72 19.34 10.98
N THR B 162 42.90 19.08 9.68
CA THR B 162 44.20 19.17 9.01
C THR B 162 44.43 20.48 8.24
N GLN B 163 43.38 21.29 8.03
CA GLN B 163 43.43 22.57 7.31
C GLN B 163 43.92 22.44 5.85
N THR B 164 43.61 21.33 5.19
CA THR B 164 43.99 21.06 3.78
C THR B 164 43.00 20.12 3.09
N THR B 165 43.07 20.02 1.76
CA THR B 165 42.15 19.21 0.93
C THR B 165 42.86 18.14 0.08
N ASN B 166 44.07 17.72 0.48
CA ASN B 166 44.76 16.60 -0.16
C ASN B 166 43.92 15.32 -0.12
N LEU B 167 44.03 14.44 -1.12
CA LEU B 167 43.23 13.21 -1.15
C LEU B 167 43.43 12.38 0.12
N ALA B 168 44.64 12.33 0.65
CA ALA B 168 44.97 11.57 1.85
C ALA B 168 44.13 11.92 3.09
N VAL B 169 43.64 13.17 3.23
CA VAL B 169 42.87 13.58 4.42
C VAL B 169 41.36 13.39 4.24
N VAL B 170 40.85 13.41 3.01
CA VAL B 170 39.43 13.12 2.71
C VAL B 170 39.18 11.62 2.52
N ALA B 171 40.21 10.86 2.13
CA ALA B 171 40.14 9.44 1.83
C ALA B 171 39.52 8.55 2.92
N PRO B 172 39.87 8.64 4.22
CA PRO B 172 39.25 7.81 5.26
C PRO B 172 37.73 7.92 5.30
N GLY B 173 37.20 9.11 5.03
CA GLY B 173 35.76 9.34 5.02
C GLY B 173 35.06 8.73 3.81
N ILE B 174 35.60 8.90 2.60
CA ILE B 174 34.98 8.28 1.42
C ILE B 174 35.14 6.77 1.45
N ALA B 175 36.23 6.27 2.02
CA ALA B 175 36.48 4.85 2.19
C ALA B 175 35.35 4.19 3.01
N GLU B 176 35.07 4.71 4.19
CA GLU B 176 33.99 4.14 5.01
C GLU B 176 32.60 4.48 4.47
N ALA B 177 32.42 5.56 3.72
CA ALA B 177 31.15 5.80 3.03
C ALA B 177 30.86 4.75 1.95
N LEU B 178 31.88 4.32 1.19
CA LEU B 178 31.71 3.24 0.22
C LEU B 178 31.29 1.94 0.92
N LEU B 179 31.99 1.53 1.97
CA LEU B 179 31.67 0.30 2.70
C LEU B 179 30.25 0.33 3.25
N ALA B 180 29.83 1.43 3.87
CA ALA B 180 28.46 1.55 4.36
C ALA B 180 27.43 1.45 3.23
N THR B 181 27.71 1.98 2.05
CA THR B 181 26.85 1.82 0.88
C THR B 181 26.82 0.37 0.43
N ALA B 182 27.99 -0.26 0.26
CA ALA B 182 28.12 -1.63 -0.25
C ALA B 182 27.38 -2.62 0.65
N ILE B 183 27.64 -2.60 1.94
CA ILE B 183 27.00 -3.52 2.88
C ILE B 183 25.50 -3.22 3.00
N GLY B 184 25.09 -1.95 2.91
CA GLY B 184 23.67 -1.58 2.86
C GLY B 184 22.92 -2.25 1.71
N LEU B 185 23.52 -2.29 0.52
CA LEU B 185 22.97 -2.94 -0.66
C LEU B 185 22.99 -4.46 -0.54
N VAL B 186 24.09 -5.04 -0.04
CA VAL B 186 24.21 -6.50 0.17
C VAL B 186 23.20 -7.03 1.18
N ALA B 187 22.78 -6.23 2.16
CA ALA B 187 21.66 -6.59 3.02
C ALA B 187 20.30 -6.37 2.34
N ALA B 188 20.11 -5.29 1.59
CA ALA B 188 18.82 -4.95 1.01
C ALA B 188 18.39 -5.91 -0.09
N ILE B 189 19.26 -6.19 -1.06
CA ILE B 189 18.89 -6.89 -2.28
C ILE B 189 18.38 -8.31 -1.99
N PRO B 190 19.09 -9.18 -1.23
CA PRO B 190 18.57 -10.49 -0.87
C PRO B 190 17.24 -10.41 -0.13
N ALA B 191 17.10 -9.48 0.83
CA ALA B 191 15.88 -9.36 1.60
C ALA B 191 14.67 -9.01 0.71
N VAL B 192 14.83 -8.12 -0.27
CA VAL B 192 13.77 -7.82 -1.24
C VAL B 192 13.44 -9.05 -2.09
N VAL B 193 14.45 -9.73 -2.64
CA VAL B 193 14.23 -10.94 -3.47
C VAL B 193 13.51 -12.02 -2.68
N ILE B 194 14.03 -12.39 -1.51
CA ILE B 194 13.47 -13.46 -0.69
C ILE B 194 12.06 -13.09 -0.22
N TYR B 195 11.80 -11.84 0.15
CA TYR B 195 10.45 -11.42 0.52
C TYR B 195 9.46 -11.55 -0.63
N ASN B 196 9.83 -11.15 -1.85
CA ASN B 196 8.96 -11.34 -3.01
C ASN B 196 8.72 -12.83 -3.30
N VAL B 197 9.75 -13.68 -3.20
CA VAL B 197 9.58 -15.13 -3.34
C VAL B 197 8.59 -15.67 -2.31
N PHE B 198 8.77 -15.39 -1.03
CA PHE B 198 7.85 -15.92 -0.02
C PHE B 198 6.47 -15.28 -0.04
N ALA B 199 6.31 -14.03 -0.47
CA ALA B 199 4.98 -13.48 -0.70
C ALA B 199 4.24 -14.24 -1.83
N ARG B 200 4.95 -14.57 -2.92
CA ARG B 200 4.41 -15.42 -4.00
C ARG B 200 4.10 -16.84 -3.51
N GLN B 201 4.97 -17.42 -2.68
CA GLN B 201 4.79 -18.80 -2.16
C GLN B 201 3.63 -18.86 -1.15
N ILE B 202 3.42 -17.83 -0.33
CA ILE B 202 2.26 -17.73 0.57
C ILE B 202 0.97 -17.57 -0.22
N GLY B 203 0.93 -16.71 -1.24
CA GLY B 203 -0.26 -16.57 -2.08
C GLY B 203 -0.66 -17.88 -2.74
N GLY B 204 0.30 -18.57 -3.34
CA GLY B 204 0.08 -19.89 -3.96
C GLY B 204 -0.36 -20.95 -2.95
N PHE B 205 0.21 -20.97 -1.76
CA PHE B 205 -0.12 -21.94 -0.73
C PHE B 205 -1.49 -21.67 -0.09
N LYS B 206 -1.79 -20.43 0.31
CA LYS B 206 -3.11 -20.09 0.86
C LYS B 206 -4.21 -20.36 -0.15
N ALA B 207 -3.98 -20.11 -1.43
CA ALA B 207 -4.94 -20.44 -2.47
C ALA B 207 -5.16 -21.94 -2.58
N MET B 208 -4.10 -22.75 -2.62
CA MET B 208 -4.23 -24.21 -2.67
C MET B 208 -4.93 -24.77 -1.44
N LEU B 209 -4.61 -24.27 -0.25
CA LEU B 209 -5.30 -24.69 0.98
C LEU B 209 -6.77 -24.27 0.96
N GLY B 210 -7.07 -23.08 0.45
CA GLY B 210 -8.45 -22.63 0.24
C GLY B 210 -9.22 -23.54 -0.72
N ASP B 211 -8.59 -24.05 -1.78
CA ASP B 211 -9.24 -25.02 -2.67
C ASP B 211 -9.53 -26.36 -1.97
N VAL B 212 -8.64 -26.83 -1.09
CA VAL B 212 -8.93 -28.03 -0.28
C VAL B 212 -10.07 -27.76 0.69
N ALA B 213 -10.06 -26.64 1.39
CA ALA B 213 -11.14 -26.29 2.32
C ALA B 213 -12.48 -26.13 1.59
N ALA B 214 -12.46 -25.56 0.39
CA ALA B 214 -13.66 -25.46 -0.44
C ALA B 214 -14.17 -26.83 -0.85
N GLN B 215 -13.31 -27.78 -1.23
CA GLN B 215 -13.76 -29.13 -1.51
C GLN B 215 -14.46 -29.75 -0.30
N VAL B 216 -13.94 -29.58 0.91
CA VAL B 216 -14.57 -30.08 2.13
C VAL B 216 -15.96 -29.47 2.34
N LEU B 217 -16.12 -28.17 2.14
CA LEU B 217 -17.43 -27.53 2.25
C LEU B 217 -18.41 -27.99 1.18
N LEU B 218 -17.97 -28.13 -0.07
CA LEU B 218 -18.82 -28.62 -1.14
C LEU B 218 -19.29 -30.04 -0.86
N LEU B 219 -18.39 -30.92 -0.42
CA LEU B 219 -18.73 -32.29 -0.03
C LEU B 219 -19.74 -32.31 1.10
N GLN B 220 -19.51 -31.54 2.18
CA GLN B 220 -20.43 -31.52 3.30
C GLN B 220 -21.79 -30.95 2.92
N SER B 221 -21.82 -29.79 2.25
CA SER B 221 -23.06 -29.13 1.87
C SER B 221 -23.91 -30.03 0.98
N ARG B 222 -23.30 -30.64 -0.04
CA ARG B 222 -24.00 -31.57 -0.94
C ARG B 222 -24.49 -32.81 -0.21
N ASP B 223 -23.70 -33.38 0.68
CA ASP B 223 -24.08 -34.58 1.42
C ASP B 223 -25.25 -34.33 2.39
N LEU B 224 -25.28 -33.19 3.07
CA LEU B 224 -26.40 -32.81 3.93
C LEU B 224 -27.69 -32.63 3.11
N ASP B 225 -27.62 -31.93 1.98
CA ASP B 225 -28.80 -31.69 1.15
C ASP B 225 -29.36 -32.99 0.55
N LEU B 226 -28.49 -33.92 0.14
CA LEU B 226 -28.89 -35.24 -0.32
C LEU B 226 -29.50 -36.08 0.82
N GLU B 227 -28.93 -36.05 2.02
CA GLU B 227 -29.50 -36.75 3.17
C GLU B 227 -30.87 -36.18 3.55
N ALA B 228 -31.04 -34.85 3.51
CA ALA B 228 -32.32 -34.20 3.77
C ALA B 228 -33.38 -34.56 2.73
N SER B 229 -33.03 -34.60 1.45
CA SER B 229 -33.94 -35.04 0.40
C SER B 229 -34.31 -36.52 0.53
N ALA B 230 -33.34 -37.38 0.89
CA ALA B 230 -33.60 -38.79 1.14
C ALA B 230 -34.51 -39.02 2.36
N ALA B 231 -34.41 -38.17 3.40
CA ALA B 231 -35.36 -38.19 4.52
C ALA B 231 -36.76 -37.74 4.08
N ALA B 232 -36.86 -36.74 3.21
CA ALA B 232 -38.10 -36.35 2.53
C ALA B 232 -38.47 -37.36 1.42
N ASP C 9 39.38 21.65 16.26
CA ASP C 9 38.94 21.03 17.53
C ASP C 9 37.46 20.62 17.46
N LEU C 10 37.16 19.55 16.73
CA LEU C 10 35.80 19.02 16.52
C LEU C 10 35.60 17.63 17.14
N SER C 11 34.39 17.40 17.64
CA SER C 11 33.86 16.13 18.15
C SER C 11 32.34 16.20 18.11
N VAL C 12 31.63 15.08 18.22
CA VAL C 12 30.17 15.06 18.09
C VAL C 12 29.47 15.97 19.11
N TRP C 13 30.01 16.13 20.33
CA TRP C 13 29.52 17.12 21.28
C TRP C 13 29.97 18.54 20.94
N GLY C 14 31.24 18.76 20.60
CA GLY C 14 31.76 20.09 20.26
C GLY C 14 31.05 20.72 19.06
N MET C 15 30.61 19.90 18.11
CA MET C 15 29.80 20.34 16.97
C MET C 15 28.43 20.84 17.42
N TYR C 16 27.75 20.13 18.32
CA TYR C 16 26.51 20.64 18.92
C TYR C 16 26.76 21.92 19.72
N GLN C 17 27.85 22.01 20.48
CA GLN C 17 28.19 23.24 21.21
C GLN C 17 28.39 24.43 20.27
N HIS C 18 29.14 24.25 19.18
CA HIS C 18 29.48 25.36 18.25
C HIS C 18 28.60 25.23 17.00
N ALA C 19 27.27 25.27 17.16
CA ALA C 19 26.31 25.20 16.04
C ALA C 19 25.45 26.47 16.01
N ASP C 20 24.61 26.61 14.98
CA ASP C 20 23.66 27.75 14.89
C ASP C 20 22.48 27.45 15.83
N ILE C 21 21.68 28.46 16.16
CA ILE C 21 20.60 28.24 17.18
C ILE C 21 19.46 27.44 16.51
N VAL C 22 19.38 27.47 15.18
CA VAL C 22 18.36 26.71 14.44
C VAL C 22 18.75 25.24 14.34
N VAL C 23 20.03 24.93 14.12
CA VAL C 23 20.52 23.55 14.10
C VAL C 23 20.45 22.94 15.50
N LYS C 24 20.77 23.68 16.57
CA LYS C 24 20.56 23.21 17.95
C LYS C 24 19.10 22.83 18.18
N CYS C 25 18.14 23.69 17.81
CA CYS C 25 16.72 23.38 17.99
C CYS C 25 16.28 22.15 17.18
N VAL C 26 16.80 21.97 15.95
CA VAL C 26 16.57 20.73 15.19
C VAL C 26 17.14 19.51 15.93
N MET C 27 18.38 19.58 16.40
CA MET C 27 19.00 18.44 17.08
C MET C 27 18.30 18.09 18.40
N ILE C 28 17.97 19.09 19.23
CA ILE C 28 17.22 18.88 20.47
C ILE C 28 15.85 18.29 20.14
N GLY C 29 15.17 18.82 19.13
CA GLY C 29 13.86 18.32 18.70
C GLY C 29 13.91 16.86 18.27
N LEU C 30 14.91 16.46 17.51
CA LEU C 30 15.09 15.07 17.10
C LEU C 30 15.47 14.15 18.26
N ILE C 31 16.28 14.61 19.21
CA ILE C 31 16.57 13.83 20.42
C ILE C 31 15.29 13.65 21.25
N LEU C 32 14.44 14.66 21.42
CA LEU C 32 13.15 14.49 22.07
C LEU C 32 12.24 13.53 21.29
N ALA C 33 12.23 13.57 19.96
CA ALA C 33 11.50 12.59 19.16
C ALA C 33 12.03 11.17 19.38
N SER C 34 13.35 11.01 19.54
CA SER C 34 13.94 9.73 19.91
C SER C 34 13.49 9.27 21.30
N VAL C 35 13.52 10.15 22.31
CA VAL C 35 13.02 9.83 23.66
C VAL C 35 11.57 9.37 23.60
N VAL C 36 10.72 10.03 22.83
CA VAL C 36 9.31 9.65 22.67
C VAL C 36 9.17 8.30 21.98
N THR C 37 9.85 8.05 20.86
CA THR C 37 9.66 6.77 20.16
C THR C 37 10.11 5.60 21.02
N TRP C 38 11.17 5.72 21.80
CA TRP C 38 11.57 4.67 22.72
C TRP C 38 10.68 4.58 23.95
N ALA C 39 10.13 5.67 24.47
CA ALA C 39 9.16 5.61 25.56
C ALA C 39 7.86 4.89 25.13
N ILE C 40 7.36 5.18 23.93
CA ILE C 40 6.20 4.48 23.36
C ILE C 40 6.54 3.01 23.18
N PHE C 41 7.73 2.67 22.67
CA PHE C 41 8.12 1.28 22.52
C PHE C 41 8.11 0.50 23.84
N PHE C 42 8.76 0.99 24.89
CA PHE C 42 8.77 0.27 26.16
C PHE C 42 7.37 0.20 26.80
N SER C 43 6.55 1.24 26.68
CA SER C 43 5.18 1.23 27.20
C SER C 43 4.31 0.22 26.47
N LYS C 44 4.19 0.32 25.14
CA LYS C 44 3.32 -0.55 24.35
C LYS C 44 3.83 -1.99 24.28
N SER C 45 5.13 -2.21 24.25
CA SER C 45 5.68 -3.57 24.19
C SER C 45 5.28 -4.39 25.41
N VAL C 46 5.34 -3.82 26.61
CA VAL C 46 4.88 -4.50 27.82
C VAL C 46 3.37 -4.72 27.81
N GLU C 47 2.60 -3.72 27.40
CA GLU C 47 1.14 -3.85 27.31
C GLU C 47 0.74 -4.96 26.34
N PHE C 48 1.30 -5.00 25.13
CA PHE C 48 1.00 -6.04 24.15
C PHE C 48 1.44 -7.41 24.63
N PHE C 49 2.62 -7.53 25.24
CA PHE C 49 3.06 -8.79 25.81
C PHE C 49 2.08 -9.31 26.86
N ASN C 50 1.67 -8.49 27.82
CA ASN C 50 0.72 -8.92 28.85
C ASN C 50 -0.64 -9.28 28.28
N GLN C 51 -1.20 -8.48 27.37
CA GLN C 51 -2.51 -8.80 26.80
C GLN C 51 -2.46 -10.04 25.91
N LYS C 52 -1.43 -10.22 25.08
CA LYS C 52 -1.22 -11.44 24.28
C LYS C 52 -1.13 -12.66 25.18
N ARG C 53 -0.30 -12.60 26.22
CA ARG C 53 -0.11 -13.70 27.17
C ARG C 53 -1.40 -14.05 27.90
N ARG C 54 -2.18 -13.06 28.34
CA ARG C 54 -3.49 -13.31 28.98
C ARG C 54 -4.49 -13.92 28.01
N LEU C 55 -4.67 -13.33 26.83
CA LEU C 55 -5.67 -13.78 25.87
C LEU C 55 -5.40 -15.20 25.39
N LYS C 56 -4.14 -15.54 25.11
CA LYS C 56 -3.75 -16.91 24.73
C LYS C 56 -4.07 -17.91 25.84
N ARG C 57 -3.80 -17.56 27.10
CA ARG C 57 -4.13 -18.40 28.25
C ARG C 57 -5.63 -18.56 28.45
N GLU C 58 -6.42 -17.50 28.31
CA GLU C 58 -7.89 -17.60 28.36
C GLU C 58 -8.45 -18.46 27.23
N GLN C 59 -7.96 -18.29 26.00
CA GLN C 59 -8.38 -19.11 24.87
C GLN C 59 -8.14 -20.60 25.13
N GLN C 60 -7.00 -20.93 25.74
CA GLN C 60 -6.65 -22.34 26.07
C GLN C 60 -7.68 -22.92 27.06
N LEU C 61 -8.18 -22.12 27.99
CA LEU C 61 -9.22 -22.58 28.92
C LEU C 61 -10.57 -22.72 28.23
N LEU C 62 -11.00 -21.71 27.47
CA LEU C 62 -12.31 -21.72 26.81
C LEU C 62 -12.44 -22.77 25.70
N ALA C 63 -11.33 -23.25 25.14
CA ALA C 63 -11.33 -24.34 24.16
C ALA C 63 -11.99 -25.64 24.68
N GLU C 64 -12.11 -25.83 25.99
CA GLU C 64 -12.81 -26.96 26.60
C GLU C 64 -14.35 -26.85 26.51
N ALA C 65 -14.91 -25.65 26.36
CA ALA C 65 -16.35 -25.44 26.50
C ALA C 65 -17.18 -26.04 25.36
N ARG C 66 -18.39 -26.53 25.68
CA ARG C 66 -19.35 -27.11 24.73
C ARG C 66 -20.74 -26.47 24.78
N SER C 67 -20.94 -25.46 25.62
CA SER C 67 -22.13 -24.60 25.64
C SER C 67 -21.74 -23.21 26.10
N LEU C 68 -22.54 -22.20 25.76
CA LEU C 68 -22.29 -20.82 26.17
C LEU C 68 -22.41 -20.67 27.69
N ASN C 69 -23.26 -21.46 28.34
CA ASN C 69 -23.33 -21.55 29.80
C ASN C 69 -22.02 -22.07 30.38
N GLN C 70 -21.49 -23.18 29.88
CA GLN C 70 -20.21 -23.70 30.36
C GLN C 70 -19.08 -22.71 30.11
N ALA C 71 -19.07 -22.02 28.96
CA ALA C 71 -18.06 -21.02 28.65
C ALA C 71 -18.07 -19.85 29.63
N ASN C 72 -19.23 -19.27 29.93
CA ASN C 72 -19.27 -18.13 30.85
C ASN C 72 -19.14 -18.54 32.33
N ASP C 73 -19.41 -19.80 32.69
CA ASP C 73 -18.98 -20.36 33.97
C ASP C 73 -17.45 -20.52 34.06
N ILE C 74 -16.78 -20.99 33.00
CA ILE C 74 -15.31 -21.05 32.95
C ILE C 74 -14.71 -19.66 33.07
N ALA C 75 -15.25 -18.68 32.36
CA ALA C 75 -14.74 -17.30 32.36
C ALA C 75 -15.06 -16.49 33.62
N ALA C 76 -15.93 -16.99 34.51
CA ALA C 76 -16.51 -16.18 35.59
C ALA C 76 -15.48 -15.54 36.54
N ASP C 77 -14.28 -16.14 36.62
CA ASP C 77 -13.20 -15.65 37.51
C ASP C 77 -12.27 -14.67 36.77
N PHE C 78 -12.23 -14.73 35.45
CA PHE C 78 -11.35 -13.84 34.65
C PHE C 78 -11.47 -12.42 35.19
N GLY C 79 -10.37 -11.65 35.16
CA GLY C 79 -10.37 -10.27 35.64
C GLY C 79 -11.49 -9.42 35.01
N SER C 80 -11.96 -8.38 35.70
CA SER C 80 -13.04 -7.51 35.21
C SER C 80 -12.71 -6.77 33.91
N LYS C 81 -11.43 -6.71 33.52
CA LYS C 81 -10.91 -6.17 32.26
C LYS C 81 -10.40 -7.24 31.28
N SER C 82 -10.81 -8.49 31.46
CA SER C 82 -10.56 -9.58 30.51
C SER C 82 -11.33 -9.39 29.22
N LEU C 83 -10.67 -9.54 28.08
CA LEU C 83 -11.31 -9.39 26.77
C LEU C 83 -12.25 -10.55 26.44
N SER C 84 -11.90 -11.79 26.77
CA SER C 84 -12.81 -12.91 26.49
C SER C 84 -14.04 -12.86 27.38
N LEU C 85 -13.91 -12.47 28.65
CA LEU C 85 -15.06 -12.24 29.53
C LEU C 85 -15.93 -11.10 28.99
N HIS C 86 -15.32 -10.03 28.50
CA HIS C 86 -16.05 -8.93 27.87
C HIS C 86 -16.84 -9.37 26.64
N LEU C 87 -16.27 -10.21 25.77
CA LEU C 87 -16.99 -10.79 24.64
C LEU C 87 -18.12 -11.74 25.08
N LEU C 88 -17.88 -12.63 26.05
CA LEU C 88 -18.91 -13.53 26.55
C LEU C 88 -20.08 -12.79 27.19
N ASN C 89 -19.80 -11.74 27.97
CA ASN C 89 -20.85 -10.86 28.49
C ASN C 89 -21.62 -10.21 27.35
N GLU C 90 -20.97 -9.75 26.29
CA GLU C 90 -21.66 -9.10 25.19
C GLU C 90 -22.56 -10.04 24.39
N ALA C 91 -22.22 -11.32 24.27
CA ALA C 91 -23.13 -12.32 23.74
C ALA C 91 -24.29 -12.61 24.70
N GLN C 92 -23.99 -12.83 25.98
CA GLN C 92 -25.03 -13.13 27.01
C GLN C 92 -26.03 -11.96 27.10
N ASN C 93 -25.56 -10.72 26.96
CA ASN C 93 -26.40 -9.54 26.99
C ASN C 93 -27.32 -9.44 25.76
N GLU C 94 -26.96 -9.96 24.59
CA GLU C 94 -27.91 -9.95 23.48
C GLU C 94 -29.05 -10.93 23.74
N LEU C 95 -28.80 -12.06 24.38
CA LEU C 95 -29.86 -12.97 24.82
C LEU C 95 -30.78 -12.29 25.83
N GLU C 96 -30.26 -11.64 26.87
CA GLU C 96 -31.11 -11.04 27.90
C GLU C 96 -31.89 -9.79 27.42
N LEU C 97 -31.44 -9.14 26.35
CA LEU C 97 -32.22 -8.09 25.66
C LEU C 97 -33.29 -8.66 24.72
N SER C 98 -33.22 -9.95 24.38
CA SER C 98 -34.04 -10.57 23.35
C SER C 98 -35.06 -11.58 23.87
N GLU C 99 -35.34 -11.65 25.17
CA GLU C 99 -36.04 -12.78 25.80
C GLU C 99 -37.43 -13.10 25.21
N GLY C 100 -38.12 -12.12 24.64
CA GLY C 100 -39.41 -12.33 23.97
C GLY C 100 -39.32 -12.92 22.56
N SER C 101 -38.15 -12.97 21.93
CA SER C 101 -38.00 -13.37 20.52
C SER C 101 -38.14 -14.88 20.32
N ASP C 102 -39.06 -15.31 19.45
CA ASP C 102 -39.06 -16.66 18.89
C ASP C 102 -38.07 -16.82 17.73
N ASP C 103 -37.61 -15.73 17.14
CA ASP C 103 -36.66 -15.70 16.04
C ASP C 103 -35.22 -15.87 16.55
N ASN C 104 -34.59 -17.01 16.24
CA ASN C 104 -33.23 -17.33 16.65
C ASN C 104 -32.19 -16.74 15.70
N GLU C 105 -32.40 -16.81 14.39
CA GLU C 105 -31.47 -16.28 13.40
C GLU C 105 -31.29 -14.77 13.51
N GLY C 106 -32.30 -14.03 13.97
CA GLY C 106 -32.15 -12.63 14.32
C GLY C 106 -31.17 -12.40 15.47
N ILE C 107 -31.17 -13.26 16.50
CA ILE C 107 -30.20 -13.19 17.59
C ILE C 107 -28.81 -13.51 17.04
N LYS C 108 -28.68 -14.55 16.22
CA LYS C 108 -27.40 -14.93 15.61
C LYS C 108 -26.83 -13.77 14.77
N GLU C 109 -27.65 -13.09 13.97
CA GLU C 109 -27.23 -11.90 13.24
C GLU C 109 -26.82 -10.76 14.17
N ARG C 110 -27.64 -10.41 15.16
CA ARG C 110 -27.36 -9.27 16.05
C ARG C 110 -26.09 -9.49 16.87
N THR C 111 -25.88 -10.67 17.45
CA THR C 111 -24.64 -10.96 18.17
C THR C 111 -23.44 -10.97 17.24
N SER C 112 -23.54 -11.60 16.06
CA SER C 112 -22.44 -11.60 15.09
C SER C 112 -21.99 -10.19 14.74
N PHE C 113 -22.96 -9.31 14.47
CA PHE C 113 -22.67 -7.92 14.17
C PHE C 113 -22.05 -7.19 15.36
N ARG C 114 -22.61 -7.35 16.56
CA ARG C 114 -22.12 -6.65 17.74
C ARG C 114 -20.72 -7.09 18.17
N LEU C 115 -20.40 -8.39 18.12
CA LEU C 115 -19.04 -8.84 18.40
C LEU C 115 -18.04 -8.37 17.34
N GLU C 116 -18.42 -8.30 16.06
CA GLU C 116 -17.56 -7.71 15.04
C GLU C 116 -17.21 -6.26 15.37
N ARG C 117 -18.20 -5.45 15.79
CA ARG C 117 -17.92 -4.08 16.25
C ARG C 117 -16.89 -4.08 17.36
N ARG C 118 -17.04 -4.93 18.37
CA ARG C 118 -16.16 -4.91 19.55
C ARG C 118 -14.76 -5.42 19.28
N VAL C 119 -14.59 -6.48 18.50
CA VAL C 119 -13.24 -6.94 18.11
C VAL C 119 -12.51 -5.86 17.34
N ALA C 120 -13.19 -5.17 16.42
CA ALA C 120 -12.60 -4.02 15.73
C ALA C 120 -12.28 -2.88 16.71
N ALA C 121 -13.18 -2.58 17.66
CA ALA C 121 -12.97 -1.51 18.63
C ALA C 121 -11.77 -1.76 19.53
N VAL C 122 -11.56 -3.00 20.00
CA VAL C 122 -10.38 -3.36 20.79
C VAL C 122 -9.11 -3.17 19.98
N GLY C 123 -9.06 -3.65 18.75
CA GLY C 123 -7.89 -3.44 17.87
C GLY C 123 -7.60 -1.96 17.61
N ARG C 124 -8.62 -1.14 17.41
CA ARG C 124 -8.50 0.30 17.22
C ARG C 124 -8.00 1.01 18.49
N GLN C 125 -8.56 0.67 19.64
CA GLN C 125 -8.16 1.24 20.95
C GLN C 125 -6.73 0.84 21.32
N MET C 126 -6.33 -0.39 21.01
CA MET C 126 -4.96 -0.88 21.16
C MET C 126 -3.95 -0.13 20.27
N GLY C 127 -4.39 0.40 19.14
CA GLY C 127 -3.58 1.21 18.23
C GLY C 127 -3.34 2.65 18.68
N ARG C 128 -3.79 3.10 19.86
CA ARG C 128 -3.48 4.44 20.39
C ARG C 128 -1.97 4.63 20.53
N GLY C 129 -1.48 5.83 20.20
CA GLY C 129 -0.06 6.17 20.23
C GLY C 129 0.69 5.90 18.92
N ASN C 130 0.20 5.03 18.03
CA ASN C 130 0.90 4.77 16.77
C ASN C 130 1.00 5.98 15.84
N GLY C 131 0.08 6.95 15.93
CA GLY C 131 0.16 8.18 15.14
C GLY C 131 1.45 8.98 15.39
N TYR C 132 1.99 8.94 16.61
CA TYR C 132 3.28 9.53 16.91
C TYR C 132 4.41 8.77 16.22
N LEU C 133 4.42 7.44 16.27
CA LEU C 133 5.45 6.64 15.61
C LEU C 133 5.48 6.88 14.10
N ALA C 134 4.32 6.86 13.46
CA ALA C 134 4.22 7.15 12.02
C ALA C 134 4.72 8.55 11.70
N THR C 135 4.28 9.56 12.46
CA THR C 135 4.68 10.95 12.21
C THR C 135 6.15 11.17 12.44
N ILE C 136 6.72 10.70 13.55
CA ILE C 136 8.15 10.80 13.85
C ILE C 136 8.95 10.10 12.77
N GLY C 137 8.53 8.93 12.31
CA GLY C 137 9.19 8.22 11.22
C GLY C 137 9.16 8.97 9.90
N ALA C 138 8.02 9.55 9.53
CA ALA C 138 7.88 10.29 8.28
C ALA C 138 8.63 11.62 8.26
N ILE C 139 8.54 12.43 9.33
CA ILE C 139 9.12 13.78 9.33
C ILE C 139 10.56 13.85 9.82
N SER C 140 11.07 12.91 10.62
CA SER C 140 12.43 13.07 11.16
C SER C 140 13.52 13.22 10.10
N PRO C 141 13.50 12.50 8.96
CA PRO C 141 14.41 12.76 7.87
C PRO C 141 14.29 14.21 7.38
N PHE C 142 13.08 14.71 7.19
CA PHE C 142 12.86 16.10 6.67
C PHE C 142 13.25 17.16 7.70
N VAL C 143 13.09 16.90 9.01
CA VAL C 143 13.50 17.84 10.05
C VAL C 143 15.01 17.89 10.20
N GLY C 144 15.68 16.74 10.14
CA GLY C 144 17.15 16.69 10.10
C GLY C 144 17.70 17.33 8.83
N LEU C 145 17.10 17.05 7.68
CA LEU C 145 17.50 17.64 6.42
C LEU C 145 17.34 19.15 6.43
N PHE C 146 16.26 19.70 6.99
CA PHE C 146 16.10 21.14 7.14
C PHE C 146 17.24 21.74 7.96
N GLY C 147 17.63 21.08 9.05
CA GLY C 147 18.83 21.46 9.79
C GLY C 147 20.08 21.49 8.91
N THR C 148 20.27 20.51 8.02
CA THR C 148 21.44 20.50 7.15
C THR C 148 21.40 21.60 6.10
N VAL C 149 20.28 21.78 5.43
CA VAL C 149 20.11 22.78 4.38
C VAL C 149 20.32 24.16 4.95
N TRP C 150 19.72 24.43 6.10
CA TRP C 150 19.90 25.69 6.81
C TRP C 150 21.36 25.91 7.24
N GLY C 151 22.00 24.90 7.84
CA GLY C 151 23.40 24.99 8.28
C GLY C 151 24.36 25.25 7.12
N ILE C 152 24.23 24.52 6.02
CA ILE C 152 25.03 24.75 4.82
C ILE C 152 24.75 26.16 4.30
N MET C 153 23.49 26.55 4.14
CA MET C 153 23.12 27.84 3.59
C MET C 153 23.69 29.01 4.40
N ASN C 154 23.65 28.91 5.73
CA ASN C 154 24.18 29.97 6.63
C ASN C 154 25.70 30.05 6.49
N SER C 155 26.35 28.93 6.16
CA SER C 155 27.83 28.93 6.00
C SER C 155 28.20 29.64 4.70
N PHE C 156 27.54 29.30 3.59
CA PHE C 156 27.92 29.89 2.28
C PHE C 156 27.47 31.35 2.24
N ILE C 157 26.36 31.67 2.91
CA ILE C 157 25.96 33.11 2.99
C ILE C 157 27.15 33.87 3.62
N GLY C 158 27.82 33.26 4.59
CA GLY C 158 28.98 33.88 5.23
C GLY C 158 30.13 34.06 4.25
N ILE C 159 30.50 32.99 3.53
CA ILE C 159 31.69 33.09 2.63
C ILE C 159 31.38 34.14 1.55
N ALA C 160 30.13 34.17 1.07
CA ALA C 160 29.72 35.19 0.10
C ALA C 160 30.03 36.63 0.55
N GLN C 161 30.21 36.86 1.84
CA GLN C 161 30.65 38.15 2.41
C GLN C 161 32.16 38.20 2.61
N THR C 162 32.79 37.13 3.11
CA THR C 162 34.23 37.13 3.44
C THR C 162 35.15 37.03 2.23
N GLN C 163 34.67 36.49 1.10
CA GLN C 163 35.43 36.25 -0.14
C GLN C 163 36.60 35.26 0.01
N THR C 164 36.68 34.49 1.11
CA THR C 164 37.77 33.53 1.34
C THR C 164 37.69 32.36 0.36
N THR C 165 38.83 31.94 -0.21
CA THR C 165 38.88 30.92 -1.29
C THR C 165 39.14 29.49 -0.82
N ASN C 166 39.21 29.25 0.50
CA ASN C 166 39.65 27.97 1.08
C ASN C 166 38.48 27.17 1.68
N LEU C 167 38.31 25.92 1.27
CA LEU C 167 37.27 25.00 1.77
C LEU C 167 37.37 24.74 3.28
N ALA C 168 38.57 24.77 3.86
CA ALA C 168 38.76 24.57 5.30
C ALA C 168 38.07 25.64 6.16
N VAL C 169 37.70 26.80 5.60
CA VAL C 169 36.93 27.83 6.31
C VAL C 169 35.49 27.37 6.55
N VAL C 170 34.82 26.75 5.56
CA VAL C 170 33.44 26.27 5.71
C VAL C 170 33.35 24.88 6.31
N ALA C 171 34.38 24.05 6.18
CA ALA C 171 34.33 22.63 6.53
C ALA C 171 33.75 22.31 7.94
N PRO C 172 34.07 23.03 9.03
CA PRO C 172 33.41 22.83 10.32
C PRO C 172 31.89 22.97 10.22
N GLY C 173 31.41 24.04 9.59
CA GLY C 173 29.97 24.27 9.39
C GLY C 173 29.32 23.21 8.54
N ILE C 174 30.03 22.69 7.53
CA ILE C 174 29.53 21.59 6.70
C ILE C 174 29.41 20.30 7.52
N ALA C 175 30.41 19.97 8.34
CA ALA C 175 30.33 18.79 9.20
C ALA C 175 29.22 18.92 10.25
N GLU C 176 29.11 20.08 10.90
CA GLU C 176 28.00 20.41 11.81
C GLU C 176 26.64 20.28 11.12
N ALA C 177 26.55 20.61 9.84
CA ALA C 177 25.34 20.41 9.06
C ALA C 177 25.06 18.93 8.79
N LEU C 178 26.00 18.16 8.23
CA LEU C 178 25.74 16.74 7.92
C LEU C 178 25.31 15.95 9.16
N LEU C 179 25.86 16.28 10.32
CA LEU C 179 25.49 15.67 11.59
C LEU C 179 23.98 15.76 11.88
N ALA C 180 23.29 16.82 11.46
CA ALA C 180 21.85 16.88 11.63
C ALA C 180 21.08 15.90 10.71
N THR C 181 21.62 15.47 9.57
CA THR C 181 21.05 14.31 8.85
C THR C 181 21.29 13.02 9.62
N ALA C 182 22.48 12.82 10.17
CA ALA C 182 22.79 11.61 10.91
C ALA C 182 21.84 11.45 12.12
N ILE C 183 21.68 12.51 12.92
CA ILE C 183 20.70 12.50 14.02
C ILE C 183 19.28 12.33 13.48
N GLY C 184 18.94 12.93 12.34
CA GLY C 184 17.64 12.76 11.69
C GLY C 184 17.32 11.31 11.39
N LEU C 185 18.26 10.56 10.83
CA LEU C 185 18.08 9.14 10.56
C LEU C 185 18.06 8.32 11.85
N VAL C 186 18.87 8.63 12.86
CA VAL C 186 18.81 7.94 14.17
C VAL C 186 17.45 8.10 14.84
N ALA C 187 16.78 9.23 14.69
CA ALA C 187 15.39 9.38 15.14
C ALA C 187 14.40 8.62 14.25
N ALA C 188 14.64 8.59 12.94
CA ALA C 188 13.72 7.99 11.96
C ALA C 188 13.70 6.46 11.99
N ILE C 189 14.85 5.79 11.91
CA ILE C 189 14.87 4.35 11.67
C ILE C 189 14.16 3.56 12.77
N PRO C 190 14.43 3.75 14.07
CA PRO C 190 13.70 3.06 15.11
C PRO C 190 12.20 3.27 15.00
N ALA C 191 11.74 4.51 14.77
CA ALA C 191 10.33 4.81 14.69
C ALA C 191 9.64 4.04 13.56
N VAL C 192 10.26 3.95 12.38
CA VAL C 192 9.67 3.22 11.24
C VAL C 192 9.74 1.72 11.40
N VAL C 193 10.79 1.17 12.02
CA VAL C 193 10.80 -0.25 12.38
C VAL C 193 9.69 -0.54 13.39
N ILE C 194 9.64 0.21 14.49
CA ILE C 194 8.72 -0.01 15.59
C ILE C 194 7.27 0.19 15.13
N TYR C 195 6.98 1.17 14.27
CA TYR C 195 5.64 1.32 13.71
C TYR C 195 5.18 0.06 12.97
N ASN C 196 6.04 -0.50 12.12
CA ASN C 196 5.71 -1.73 11.40
C ASN C 196 5.57 -2.92 12.36
N VAL C 197 6.44 -3.04 13.36
CA VAL C 197 6.33 -4.08 14.38
C VAL C 197 4.98 -4.02 15.08
N PHE C 198 4.55 -2.87 15.58
CA PHE C 198 3.26 -2.77 16.25
C PHE C 198 2.11 -2.92 15.28
N ALA C 199 2.18 -2.41 14.05
CA ALA C 199 1.11 -2.62 13.07
C ALA C 199 0.91 -4.12 12.79
N ARG C 200 1.99 -4.91 12.78
CA ARG C 200 1.93 -6.36 12.60
C ARG C 200 1.46 -7.09 13.85
N GLN C 201 1.87 -6.64 15.05
CA GLN C 201 1.47 -7.27 16.34
C GLN C 201 0.01 -6.95 16.64
N ILE C 202 -0.53 -5.80 16.24
CA ILE C 202 -1.96 -5.49 16.32
C ILE C 202 -2.73 -6.38 15.35
N GLY C 203 -2.25 -6.58 14.13
CA GLY C 203 -2.87 -7.50 13.18
C GLY C 203 -2.98 -8.92 13.74
N GLY C 204 -1.90 -9.46 14.29
CA GLY C 204 -1.88 -10.77 14.92
C GLY C 204 -2.74 -10.87 16.19
N PHE C 205 -2.80 -9.82 16.99
CA PHE C 205 -3.64 -9.78 18.19
C PHE C 205 -5.13 -9.71 17.82
N LYS C 206 -5.50 -8.84 16.88
CA LYS C 206 -6.87 -8.75 16.37
C LYS C 206 -7.31 -10.07 15.74
N ALA C 207 -6.42 -10.76 15.02
CA ALA C 207 -6.71 -12.07 14.48
C ALA C 207 -6.95 -13.11 15.59
N MET C 208 -6.11 -13.17 16.62
CA MET C 208 -6.32 -14.05 17.77
C MET C 208 -7.60 -13.72 18.53
N LEU C 209 -7.91 -12.45 18.75
CA LEU C 209 -9.15 -12.04 19.39
C LEU C 209 -10.37 -12.41 18.52
N GLY C 210 -10.25 -12.34 17.20
CA GLY C 210 -11.26 -12.85 16.28
C GLY C 210 -11.48 -14.35 16.41
N ASP C 211 -10.42 -15.14 16.60
CA ASP C 211 -10.54 -16.58 16.86
C ASP C 211 -11.25 -16.86 18.20
N VAL C 212 -11.07 -16.01 19.21
CA VAL C 212 -11.84 -16.11 20.47
C VAL C 212 -13.30 -15.72 20.26
N ALA C 213 -13.57 -14.61 19.58
CA ALA C 213 -14.93 -14.17 19.30
C ALA C 213 -15.70 -15.21 18.47
N ALA C 214 -15.04 -15.84 17.51
CA ALA C 214 -15.63 -16.91 16.72
C ALA C 214 -16.09 -18.08 17.59
N GLN C 215 -15.34 -18.47 18.60
CA GLN C 215 -15.77 -19.51 19.52
C GLN C 215 -17.05 -19.12 20.26
N VAL C 216 -17.19 -17.86 20.69
CA VAL C 216 -18.43 -17.38 21.31
C VAL C 216 -19.61 -17.48 20.34
N LEU C 217 -19.43 -17.06 19.09
CA LEU C 217 -20.49 -17.15 18.08
C LEU C 217 -20.88 -18.60 17.80
N LEU C 218 -19.91 -19.50 17.68
CA LEU C 218 -20.16 -20.91 17.43
C LEU C 218 -20.92 -21.55 18.59
N LEU C 219 -20.53 -21.29 19.84
CA LEU C 219 -21.22 -21.82 21.01
C LEU C 219 -22.66 -21.30 21.09
N GLN C 220 -22.88 -20.00 20.91
CA GLN C 220 -24.23 -19.44 20.91
C GLN C 220 -25.08 -20.03 19.78
N SER C 221 -24.52 -20.11 18.57
CA SER C 221 -25.20 -20.67 17.40
C SER C 221 -25.60 -22.12 17.64
N ARG C 222 -24.68 -22.94 18.13
CA ARG C 222 -24.92 -24.35 18.47
C ARG C 222 -26.04 -24.48 19.51
N ASP C 223 -25.98 -23.71 20.59
CA ASP C 223 -26.98 -23.79 21.65
C ASP C 223 -28.38 -23.39 21.20
N LEU C 224 -28.52 -22.32 20.42
CA LEU C 224 -29.82 -21.90 19.90
C LEU C 224 -30.45 -22.99 19.01
N ASP C 225 -29.66 -23.62 18.14
CA ASP C 225 -30.17 -24.68 17.27
C ASP C 225 -30.50 -25.97 18.04
N LEU C 226 -29.68 -26.36 19.01
CA LEU C 226 -29.98 -27.52 19.86
C LEU C 226 -31.23 -27.27 20.70
N GLU C 227 -31.38 -26.08 21.27
CA GLU C 227 -32.57 -25.71 22.04
C GLU C 227 -33.84 -25.72 21.16
N ALA C 228 -33.76 -25.20 19.93
CA ALA C 228 -34.90 -25.21 19.01
C ALA C 228 -35.35 -26.64 18.67
N SER C 229 -34.41 -27.56 18.43
CA SER C 229 -34.72 -28.98 18.21
C SER C 229 -35.32 -29.64 19.46
N ALA C 230 -34.79 -29.34 20.65
CA ALA C 230 -35.29 -29.88 21.90
C ALA C 230 -36.70 -29.38 22.24
N ALA C 231 -37.03 -28.13 21.91
CA ALA C 231 -38.39 -27.61 22.02
C ALA C 231 -39.34 -28.28 21.03
N ALA C 232 -38.91 -28.48 19.79
CA ALA C 232 -39.60 -29.29 18.79
C ALA C 232 -39.46 -30.79 19.10
N ASP D 9 23.17 37.36 -1.97
CA ASP D 9 24.26 37.33 -0.96
C ASP D 9 23.72 37.52 0.47
N LEU D 10 23.23 38.70 0.83
CA LEU D 10 23.01 39.10 2.23
C LEU D 10 21.78 38.45 2.89
N SER D 11 20.71 38.19 2.12
CA SER D 11 19.38 37.91 2.67
C SER D 11 18.51 37.07 1.75
N VAL D 12 17.44 36.49 2.30
CA VAL D 12 16.42 35.74 1.55
C VAL D 12 15.80 36.57 0.42
N TRP D 13 15.58 37.87 0.63
CA TRP D 13 15.16 38.74 -0.47
C TRP D 13 16.20 38.83 -1.58
N GLY D 14 17.49 38.89 -1.22
CA GLY D 14 18.60 38.81 -2.17
C GLY D 14 18.56 37.54 -3.02
N MET D 15 18.37 36.36 -2.42
CA MET D 15 18.18 35.14 -3.21
C MET D 15 16.92 35.20 -4.07
N TYR D 16 15.78 35.59 -3.51
CA TYR D 16 14.52 35.65 -4.26
C TYR D 16 14.61 36.59 -5.48
N GLN D 17 15.15 37.80 -5.32
CA GLN D 17 15.20 38.75 -6.41
C GLN D 17 16.20 38.30 -7.48
N HIS D 18 17.36 37.80 -7.04
CA HIS D 18 18.42 37.39 -8.00
C HIS D 18 18.34 35.88 -8.22
N ALA D 19 17.14 35.39 -8.56
CA ALA D 19 16.97 33.94 -8.82
C ALA D 19 16.40 33.72 -10.22
N ASP D 20 16.81 32.63 -10.87
CA ASP D 20 16.28 32.32 -12.23
C ASP D 20 14.77 32.16 -12.13
N ILE D 21 14.04 32.64 -13.14
CA ILE D 21 12.55 32.58 -13.09
C ILE D 21 12.14 31.16 -12.71
N VAL D 22 12.71 30.16 -13.37
CA VAL D 22 12.31 28.74 -13.10
C VAL D 22 12.38 28.52 -11.58
N VAL D 23 13.46 28.94 -10.94
CA VAL D 23 13.62 28.70 -9.50
C VAL D 23 12.69 29.60 -8.71
N LYS D 24 12.52 30.86 -9.14
CA LYS D 24 11.57 31.80 -8.52
C LYS D 24 10.15 31.26 -8.61
N CYS D 25 9.72 30.80 -9.78
CA CYS D 25 8.38 30.23 -9.96
C CYS D 25 8.16 28.98 -9.09
N VAL D 26 9.16 28.12 -8.95
CA VAL D 26 9.14 27.00 -8.01
C VAL D 26 8.93 27.47 -6.58
N MET D 27 9.67 28.49 -6.14
CA MET D 27 9.51 29.06 -4.79
C MET D 27 8.12 29.66 -4.56
N ILE D 28 7.56 30.43 -5.49
CA ILE D 28 6.18 30.93 -5.36
C ILE D 28 5.21 29.75 -5.27
N GLY D 29 5.36 28.73 -6.11
CA GLY D 29 4.47 27.56 -6.09
C GLY D 29 4.50 26.82 -4.76
N LEU D 30 5.69 26.60 -4.20
CA LEU D 30 5.83 25.97 -2.88
C LEU D 30 5.28 26.86 -1.75
N ILE D 31 5.47 28.19 -1.82
CA ILE D 31 4.87 29.10 -0.84
C ILE D 31 3.35 29.04 -0.90
N LEU D 32 2.74 29.01 -2.09
CA LEU D 32 1.30 28.84 -2.20
C LEU D 32 0.83 27.48 -1.71
N ALA D 33 1.59 26.41 -1.91
CA ALA D 33 1.28 25.12 -1.31
C ALA D 33 1.34 25.17 0.24
N SER D 34 2.30 25.89 0.80
CA SER D 34 2.34 26.13 2.24
C SER D 34 1.11 26.91 2.72
N VAL D 35 0.72 27.97 2.03
CA VAL D 35 -0.49 28.73 2.35
C VAL D 35 -1.74 27.85 2.31
N VAL D 36 -1.91 27.03 1.26
CA VAL D 36 -3.11 26.21 1.16
C VAL D 36 -3.14 25.12 2.23
N THR D 37 -2.02 24.50 2.62
CA THR D 37 -2.08 23.49 3.69
C THR D 37 -2.46 24.10 5.03
N TRP D 38 -2.01 25.30 5.36
CA TRP D 38 -2.47 25.98 6.58
C TRP D 38 -3.92 26.45 6.46
N ALA D 39 -4.34 26.93 5.30
CA ALA D 39 -5.74 27.28 5.07
C ALA D 39 -6.67 26.07 5.28
N ILE D 40 -6.30 24.90 4.77
CA ILE D 40 -7.06 23.66 4.98
C ILE D 40 -7.09 23.30 6.46
N PHE D 41 -5.95 23.34 7.16
CA PHE D 41 -5.92 23.01 8.57
C PHE D 41 -6.83 23.90 9.41
N PHE D 42 -6.71 25.23 9.31
CA PHE D 42 -7.55 26.13 10.09
C PHE D 42 -9.03 26.06 9.67
N SER D 43 -9.32 25.92 8.38
CA SER D 43 -10.70 25.81 7.90
C SER D 43 -11.37 24.52 8.39
N LYS D 44 -10.71 23.38 8.22
CA LYS D 44 -11.30 22.07 8.51
C LYS D 44 -11.24 21.71 9.99
N SER D 45 -10.19 22.07 10.71
CA SER D 45 -10.04 21.64 12.10
C SER D 45 -11.16 22.14 13.01
N VAL D 46 -11.63 23.38 12.83
CA VAL D 46 -12.69 23.92 13.68
C VAL D 46 -14.04 23.27 13.44
N GLU D 47 -14.41 23.01 12.18
CA GLU D 47 -15.69 22.35 11.90
C GLU D 47 -15.62 20.86 12.22
N PHE D 48 -14.49 20.20 11.95
CA PHE D 48 -14.28 18.82 12.36
C PHE D 48 -14.33 18.65 13.89
N PHE D 49 -13.68 19.52 14.65
CA PHE D 49 -13.73 19.48 16.11
C PHE D 49 -15.17 19.61 16.62
N ASN D 50 -15.97 20.51 16.03
CA ASN D 50 -17.38 20.63 16.41
C ASN D 50 -18.20 19.38 16.05
N GLN D 51 -17.97 18.74 14.90
CA GLN D 51 -18.61 17.46 14.58
C GLN D 51 -18.22 16.36 15.57
N LYS D 52 -16.92 16.20 15.86
CA LYS D 52 -16.39 15.20 16.80
C LYS D 52 -16.97 15.40 18.20
N ARG D 53 -16.92 16.63 18.72
CA ARG D 53 -17.45 17.00 20.03
C ARG D 53 -18.95 16.76 20.13
N ARG D 54 -19.73 17.16 19.11
CA ARG D 54 -21.17 16.92 19.07
C ARG D 54 -21.48 15.44 19.00
N LEU D 55 -20.92 14.69 18.06
CA LEU D 55 -21.24 13.27 17.88
C LEU D 55 -21.00 12.45 19.16
N LYS D 56 -19.90 12.72 19.88
CA LYS D 56 -19.62 12.09 21.16
C LYS D 56 -20.70 12.36 22.20
N ARG D 57 -21.23 13.58 22.28
CA ARG D 57 -22.39 13.90 23.13
C ARG D 57 -23.63 13.10 22.72
N GLU D 58 -23.95 13.06 21.42
CA GLU D 58 -25.16 12.35 20.97
C GLU D 58 -25.07 10.87 21.33
N GLN D 59 -23.92 10.23 21.12
CA GLN D 59 -23.76 8.82 21.45
C GLN D 59 -23.95 8.55 22.95
N GLN D 60 -23.39 9.40 23.81
CA GLN D 60 -23.54 9.25 25.26
C GLN D 60 -25.00 9.33 25.71
N LEU D 61 -25.83 10.18 25.07
CA LEU D 61 -27.25 10.23 25.36
C LEU D 61 -28.00 9.03 24.76
N LEU D 62 -27.71 8.64 23.52
CA LEU D 62 -28.37 7.50 22.87
C LEU D 62 -28.01 6.15 23.49
N ALA D 63 -26.87 6.00 24.15
CA ALA D 63 -26.48 4.75 24.79
C ALA D 63 -27.46 4.29 25.89
N GLU D 64 -28.26 5.19 26.44
CA GLU D 64 -29.34 4.84 27.38
C GLU D 64 -30.53 4.14 26.71
N ALA D 65 -30.77 4.39 25.41
CA ALA D 65 -31.98 3.96 24.75
C ALA D 65 -32.07 2.44 24.54
N ARG D 66 -33.28 1.89 24.69
CA ARG D 66 -33.54 0.45 24.67
C ARG D 66 -34.70 0.04 23.75
N SER D 67 -35.26 0.98 23.01
CA SER D 67 -36.16 0.77 21.87
C SER D 67 -35.96 1.89 20.85
N LEU D 68 -36.30 1.67 19.59
CA LEU D 68 -36.14 2.70 18.57
C LEU D 68 -37.02 3.93 18.84
N ASN D 69 -38.22 3.74 19.40
CA ASN D 69 -39.08 4.83 19.83
C ASN D 69 -38.43 5.67 20.94
N GLN D 70 -37.81 5.03 21.93
CA GLN D 70 -37.04 5.75 22.95
C GLN D 70 -35.86 6.51 22.32
N ALA D 71 -35.18 5.94 21.33
CA ALA D 71 -34.08 6.61 20.66
C ALA D 71 -34.55 7.85 19.88
N ASN D 72 -35.72 7.80 19.24
CA ASN D 72 -36.31 9.00 18.64
C ASN D 72 -36.68 10.06 19.70
N ASP D 73 -37.23 9.64 20.83
CA ASP D 73 -37.56 10.55 21.93
C ASP D 73 -36.34 11.22 22.57
N ILE D 74 -35.19 10.53 22.63
CA ILE D 74 -33.90 11.11 22.99
C ILE D 74 -33.45 12.10 21.91
N ALA D 75 -33.46 11.70 20.64
CA ALA D 75 -32.85 12.45 19.56
C ALA D 75 -33.62 13.68 19.09
N ALA D 76 -34.93 13.78 19.33
CA ALA D 76 -35.76 14.85 18.79
C ALA D 76 -35.33 16.26 19.21
N ASP D 77 -34.67 16.40 20.36
CA ASP D 77 -34.12 17.68 20.84
C ASP D 77 -32.78 18.07 20.17
N PHE D 78 -32.21 17.19 19.35
CA PHE D 78 -30.91 17.45 18.68
C PHE D 78 -31.09 18.45 17.54
N GLY D 79 -30.04 19.21 17.21
CA GLY D 79 -30.08 20.17 16.10
C GLY D 79 -30.30 19.49 14.75
N SER D 80 -30.94 20.17 13.80
CA SER D 80 -31.33 19.62 12.50
C SER D 80 -30.16 19.18 11.61
N LYS D 81 -28.92 19.59 11.95
CA LYS D 81 -27.68 19.13 11.31
C LYS D 81 -26.97 17.99 12.07
N SER D 82 -27.56 17.43 13.12
CA SER D 82 -26.96 16.31 13.87
C SER D 82 -26.96 15.05 13.03
N LEU D 83 -25.78 14.44 12.84
CA LEU D 83 -25.63 13.20 12.09
C LEU D 83 -26.40 12.05 12.75
N SER D 84 -26.47 12.04 14.07
CA SER D 84 -27.25 11.01 14.78
C SER D 84 -28.75 11.14 14.49
N LEU D 85 -29.30 12.36 14.49
CA LEU D 85 -30.71 12.57 14.13
C LEU D 85 -30.96 12.20 12.67
N HIS D 86 -30.00 12.46 11.77
CA HIS D 86 -30.11 12.00 10.40
C HIS D 86 -30.20 10.47 10.33
N LEU D 87 -29.34 9.73 11.00
CA LEU D 87 -29.40 8.27 10.99
C LEU D 87 -30.70 7.74 11.61
N LEU D 88 -31.20 8.33 12.70
CA LEU D 88 -32.48 7.94 13.27
C LEU D 88 -33.64 8.22 12.28
N ASN D 89 -33.67 9.40 11.65
CA ASN D 89 -34.69 9.71 10.65
C ASN D 89 -34.58 8.78 9.44
N GLU D 90 -33.37 8.45 8.99
CA GLU D 90 -33.14 7.57 7.85
C GLU D 90 -33.68 6.15 8.13
N ALA D 91 -33.51 5.64 9.34
CA ALA D 91 -34.09 4.36 9.75
C ALA D 91 -35.60 4.44 9.95
N GLN D 92 -36.11 5.47 10.63
CA GLN D 92 -37.55 5.66 10.83
C GLN D 92 -38.29 5.77 9.49
N ASN D 93 -37.70 6.47 8.53
CA ASN D 93 -38.30 6.62 7.21
C ASN D 93 -38.44 5.28 6.46
N GLU D 94 -37.63 4.26 6.73
CA GLU D 94 -37.85 2.97 6.10
C GLU D 94 -39.15 2.32 6.59
N LEU D 95 -39.52 2.50 7.86
CA LEU D 95 -40.82 2.07 8.37
C LEU D 95 -41.95 2.89 7.74
N GLU D 96 -41.78 4.20 7.59
CA GLU D 96 -42.77 5.06 6.93
C GLU D 96 -43.06 4.58 5.50
N LEU D 97 -42.03 4.27 4.72
CA LEU D 97 -42.17 3.83 3.33
C LEU D 97 -42.61 2.37 3.18
N SER D 98 -42.64 1.58 4.26
CA SER D 98 -42.91 0.14 4.21
C SER D 98 -44.20 -0.26 4.92
N GLU D 99 -45.10 0.67 5.24
CA GLU D 99 -46.20 0.41 6.17
C GLU D 99 -47.15 -0.74 5.76
N GLY D 100 -47.31 -0.99 4.46
CA GLY D 100 -48.09 -2.12 3.93
C GLY D 100 -47.35 -3.45 3.88
N SER D 101 -46.06 -3.51 4.20
CA SER D 101 -45.29 -4.76 4.22
C SER D 101 -45.67 -5.65 5.40
N ASP D 102 -45.70 -6.97 5.20
CA ASP D 102 -45.71 -7.97 6.27
C ASP D 102 -44.35 -8.69 6.40
N ASP D 103 -43.34 -8.27 5.63
CA ASP D 103 -41.98 -8.82 5.64
C ASP D 103 -41.04 -7.88 6.38
N ASN D 104 -40.39 -8.41 7.43
CA ASN D 104 -39.48 -7.65 8.29
C ASN D 104 -38.03 -7.74 7.82
N GLU D 105 -37.58 -8.89 7.33
CA GLU D 105 -36.23 -9.07 6.79
C GLU D 105 -35.94 -8.09 5.65
N GLY D 106 -36.94 -7.78 4.82
CA GLY D 106 -36.86 -6.72 3.82
C GLY D 106 -36.62 -5.35 4.44
N ILE D 107 -37.34 -5.00 5.51
CA ILE D 107 -37.16 -3.73 6.22
C ILE D 107 -35.76 -3.66 6.83
N LYS D 108 -35.29 -4.75 7.44
CA LYS D 108 -33.94 -4.82 8.00
C LYS D 108 -32.88 -4.64 6.92
N GLU D 109 -32.92 -5.41 5.83
CA GLU D 109 -31.87 -5.34 4.82
C GLU D 109 -31.89 -3.97 4.12
N ARG D 110 -33.07 -3.40 3.83
CA ARG D 110 -33.16 -2.07 3.22
C ARG D 110 -32.61 -1.02 4.17
N THR D 111 -32.93 -1.08 5.46
CA THR D 111 -32.37 -0.14 6.43
C THR D 111 -30.87 -0.29 6.57
N SER D 112 -30.37 -1.51 6.71
CA SER D 112 -28.94 -1.81 6.81
C SER D 112 -28.18 -1.23 5.62
N PHE D 113 -28.69 -1.48 4.42
CA PHE D 113 -28.09 -0.95 3.21
C PHE D 113 -28.14 0.57 3.16
N ARG D 114 -29.28 1.18 3.50
CA ARG D 114 -29.43 2.64 3.48
C ARG D 114 -28.55 3.34 4.52
N LEU D 115 -28.41 2.82 5.73
CA LEU D 115 -27.49 3.40 6.71
C LEU D 115 -26.03 3.22 6.32
N GLU D 116 -25.63 2.07 5.78
CA GLU D 116 -24.26 1.86 5.28
C GLU D 116 -23.88 2.93 4.26
N ARG D 117 -24.78 3.22 3.32
CA ARG D 117 -24.58 4.26 2.30
C ARG D 117 -24.50 5.64 2.92
N ARG D 118 -25.39 5.96 3.87
CA ARG D 118 -25.39 7.26 4.58
C ARG D 118 -24.10 7.48 5.36
N VAL D 119 -23.61 6.48 6.07
CA VAL D 119 -22.34 6.55 6.82
C VAL D 119 -21.16 6.72 5.89
N ALA D 120 -21.11 5.99 4.78
CA ALA D 120 -20.05 6.16 3.80
C ALA D 120 -20.07 7.56 3.19
N ALA D 121 -21.23 8.14 2.88
CA ALA D 121 -21.32 9.48 2.34
C ALA D 121 -20.77 10.55 3.28
N VAL D 122 -21.09 10.46 4.58
CA VAL D 122 -20.49 11.34 5.59
C VAL D 122 -18.99 11.12 5.68
N GLY D 123 -18.51 9.87 5.61
CA GLY D 123 -17.08 9.57 5.56
C GLY D 123 -16.36 10.26 4.41
N ARG D 124 -16.93 10.26 3.20
CA ARG D 124 -16.37 11.00 2.05
C ARG D 124 -16.38 12.50 2.31
N GLN D 125 -17.49 13.04 2.79
CA GLN D 125 -17.64 14.47 3.04
C GLN D 125 -16.69 15.00 4.12
N MET D 126 -16.40 14.20 5.15
CA MET D 126 -15.52 14.60 6.25
C MET D 126 -14.04 14.62 5.82
N GLY D 127 -13.63 13.68 4.97
CA GLY D 127 -12.27 13.56 4.46
C GLY D 127 -11.91 14.48 3.29
N ARG D 128 -12.80 15.40 2.89
CA ARG D 128 -12.77 16.08 1.59
C ARG D 128 -11.49 16.85 1.27
N GLY D 129 -10.82 17.44 2.25
CA GLY D 129 -9.57 18.18 2.02
C GLY D 129 -8.31 17.34 1.84
N ASN D 130 -8.34 16.02 2.12
CA ASN D 130 -7.12 15.21 2.25
C ASN D 130 -6.29 15.09 0.97
N GLY D 131 -6.90 15.18 -0.22
CA GLY D 131 -6.18 15.02 -1.48
C GLY D 131 -5.06 16.05 -1.64
N TYR D 132 -5.31 17.31 -1.31
CA TYR D 132 -4.27 18.34 -1.28
C TYR D 132 -3.16 17.98 -0.31
N LEU D 133 -3.50 17.62 0.93
CA LEU D 133 -2.52 17.38 1.98
C LEU D 133 -1.60 16.21 1.63
N ALA D 134 -2.16 15.07 1.23
CA ALA D 134 -1.37 13.90 0.86
C ALA D 134 -0.49 14.19 -0.37
N THR D 135 -1.01 14.92 -1.35
CA THR D 135 -0.23 15.28 -2.54
C THR D 135 0.89 16.24 -2.19
N ILE D 136 0.59 17.36 -1.52
CA ILE D 136 1.60 18.37 -1.18
C ILE D 136 2.69 17.76 -0.30
N GLY D 137 2.34 16.91 0.67
CA GLY D 137 3.30 16.24 1.53
C GLY D 137 4.24 15.29 0.79
N ALA D 138 3.73 14.50 -0.17
CA ALA D 138 4.55 13.57 -0.94
C ALA D 138 5.34 14.25 -2.07
N ILE D 139 4.80 15.31 -2.68
CA ILE D 139 5.34 15.89 -3.93
C ILE D 139 6.23 17.11 -3.71
N SER D 140 6.01 17.91 -2.67
CA SER D 140 6.83 19.11 -2.45
C SER D 140 8.34 18.85 -2.42
N PRO D 141 8.85 17.74 -1.84
CA PRO D 141 10.26 17.41 -1.94
C PRO D 141 10.77 17.28 -3.38
N PHE D 142 10.04 16.64 -4.28
CA PHE D 142 10.45 16.52 -5.68
C PHE D 142 10.39 17.85 -6.41
N VAL D 143 9.40 18.70 -6.13
CA VAL D 143 9.36 20.05 -6.69
C VAL D 143 10.57 20.86 -6.21
N GLY D 144 10.97 20.73 -4.94
CA GLY D 144 12.21 21.30 -4.42
C GLY D 144 13.45 20.76 -5.14
N LEU D 145 13.51 19.45 -5.36
CA LEU D 145 14.60 18.82 -6.10
C LEU D 145 14.70 19.35 -7.53
N PHE D 146 13.58 19.56 -8.23
CA PHE D 146 13.63 20.20 -9.55
C PHE D 146 14.22 21.61 -9.45
N GLY D 147 13.79 22.40 -8.47
CA GLY D 147 14.37 23.72 -8.22
C GLY D 147 15.88 23.68 -7.97
N THR D 148 16.39 22.74 -7.18
CA THR D 148 17.83 22.66 -6.94
C THR D 148 18.59 22.10 -8.11
N VAL D 149 18.10 21.07 -8.78
CA VAL D 149 18.71 20.57 -10.01
C VAL D 149 18.84 21.71 -11.01
N TRP D 150 17.84 22.56 -11.17
CA TRP D 150 17.92 23.69 -12.08
C TRP D 150 18.91 24.77 -11.62
N GLY D 151 18.90 25.16 -10.35
CA GLY D 151 19.86 26.15 -9.84
C GLY D 151 21.31 25.66 -9.91
N ILE D 152 21.52 24.38 -9.60
CA ILE D 152 22.83 23.74 -9.70
C ILE D 152 23.27 23.65 -11.15
N MET D 153 22.38 23.31 -12.09
CA MET D 153 22.68 23.36 -13.51
C MET D 153 23.17 24.74 -13.93
N ASN D 154 22.45 25.82 -13.59
CA ASN D 154 22.91 27.16 -13.91
C ASN D 154 24.29 27.49 -13.31
N SER D 155 24.62 26.97 -12.13
CA SER D 155 25.96 27.17 -11.55
C SER D 155 27.06 26.45 -12.33
N PHE D 156 26.79 25.26 -12.87
CA PHE D 156 27.72 24.61 -13.80
C PHE D 156 27.86 25.39 -15.12
N ILE D 157 26.79 26.00 -15.64
CA ILE D 157 26.93 26.92 -16.77
C ILE D 157 27.83 28.09 -16.40
N GLY D 158 27.69 28.66 -15.20
CA GLY D 158 28.57 29.73 -14.72
C GLY D 158 30.05 29.33 -14.68
N ILE D 159 30.35 28.13 -14.18
CA ILE D 159 31.71 27.57 -14.21
C ILE D 159 32.19 27.41 -15.67
N ALA D 160 31.36 26.84 -16.55
CA ALA D 160 31.73 26.58 -17.93
C ALA D 160 31.97 27.86 -18.76
N GLN D 161 31.24 28.95 -18.48
CA GLN D 161 31.43 30.23 -19.17
C GLN D 161 32.62 31.02 -18.63
N THR D 162 32.77 31.12 -17.30
CA THR D 162 33.80 31.95 -16.68
C THR D 162 35.18 31.27 -16.67
N GLN D 163 35.24 29.95 -16.47
CA GLN D 163 36.45 29.12 -16.46
C GLN D 163 37.55 29.60 -15.50
N THR D 164 37.19 30.35 -14.46
CA THR D 164 38.05 30.78 -13.35
C THR D 164 37.16 31.07 -12.14
N THR D 165 37.21 30.20 -11.13
CA THR D 165 36.20 30.13 -10.05
C THR D 165 36.81 29.74 -8.72
N ASN D 166 36.10 30.09 -7.64
CA ASN D 166 36.36 29.67 -6.26
C ASN D 166 35.01 29.58 -5.52
N LEU D 167 34.96 28.95 -4.34
CA LEU D 167 33.69 28.66 -3.68
C LEU D 167 32.91 29.91 -3.24
N ALA D 168 33.52 31.11 -3.20
CA ALA D 168 32.79 32.35 -2.98
C ALA D 168 32.08 32.85 -4.26
N VAL D 169 32.70 32.69 -5.44
CA VAL D 169 32.09 33.10 -6.72
C VAL D 169 30.79 32.35 -7.01
N VAL D 170 30.71 31.06 -6.66
CA VAL D 170 29.47 30.27 -6.81
C VAL D 170 28.54 30.34 -5.59
N ALA D 171 28.95 30.94 -4.47
CA ALA D 171 28.17 30.92 -3.23
C ALA D 171 26.74 31.45 -3.39
N PRO D 172 26.47 32.56 -4.12
CA PRO D 172 25.09 32.99 -4.40
C PRO D 172 24.24 31.90 -5.07
N GLY D 173 24.79 31.22 -6.08
CA GLY D 173 24.06 30.18 -6.82
C GLY D 173 23.65 29.02 -5.93
N ILE D 174 24.56 28.50 -5.10
CA ILE D 174 24.18 27.43 -4.16
C ILE D 174 23.34 27.92 -3.00
N ALA D 175 23.47 29.17 -2.56
CA ALA D 175 22.55 29.72 -1.55
C ALA D 175 21.11 29.81 -2.10
N GLU D 176 20.92 30.19 -3.36
CA GLU D 176 19.60 30.17 -3.99
C GLU D 176 19.04 28.74 -4.10
N ALA D 177 19.84 27.77 -4.51
CA ALA D 177 19.39 26.37 -4.54
C ALA D 177 19.00 25.86 -3.14
N LEU D 178 19.83 26.09 -2.13
CA LEU D 178 19.52 25.69 -0.78
C LEU D 178 18.24 26.36 -0.29
N LEU D 179 18.02 27.63 -0.59
CA LEU D 179 16.79 28.34 -0.21
C LEU D 179 15.57 27.68 -0.86
N ALA D 180 15.63 27.32 -2.14
CA ALA D 180 14.55 26.58 -2.78
C ALA D 180 14.30 25.21 -2.11
N THR D 181 15.33 24.55 -1.61
CA THR D 181 15.18 23.31 -0.82
C THR D 181 14.50 23.59 0.51
N ALA D 182 14.92 24.63 1.22
CA ALA D 182 14.38 24.99 2.52
C ALA D 182 12.89 25.30 2.42
N ILE D 183 12.47 26.08 1.44
CA ILE D 183 11.06 26.34 1.17
C ILE D 183 10.32 25.04 0.85
N GLY D 184 10.93 24.10 0.11
CA GLY D 184 10.35 22.78 -0.15
C GLY D 184 10.07 21.99 1.12
N LEU D 185 11.04 21.93 2.03
CA LEU D 185 10.88 21.28 3.34
C LEU D 185 9.84 21.98 4.21
N VAL D 186 9.80 23.31 4.21
CA VAL D 186 8.80 24.08 4.97
C VAL D 186 7.38 23.89 4.44
N ALA D 187 7.19 23.59 3.16
CA ALA D 187 5.89 23.14 2.65
C ALA D 187 5.60 21.67 3.05
N ALA D 188 6.59 20.78 2.96
CA ALA D 188 6.40 19.35 3.18
C ALA D 188 6.11 18.96 4.63
N ILE D 189 6.86 19.49 5.60
CA ILE D 189 6.76 19.04 7.00
C ILE D 189 5.36 19.30 7.58
N PRO D 190 4.79 20.51 7.55
CA PRO D 190 3.43 20.74 8.02
C PRO D 190 2.42 19.86 7.31
N ALA D 191 2.53 19.67 6.00
CA ALA D 191 1.57 18.89 5.25
C ALA D 191 1.52 17.44 5.73
N VAL D 192 2.65 16.80 6.01
CA VAL D 192 2.67 15.43 6.56
C VAL D 192 2.12 15.38 7.98
N VAL D 193 2.49 16.31 8.86
CA VAL D 193 1.95 16.35 10.22
C VAL D 193 0.44 16.54 10.21
N ILE D 194 -0.05 17.55 9.50
CA ILE D 194 -1.47 17.85 9.39
C ILE D 194 -2.22 16.67 8.76
N TYR D 195 -1.68 16.05 7.72
CA TYR D 195 -2.30 14.89 7.10
C TYR D 195 -2.42 13.71 8.06
N ASN D 196 -1.37 13.39 8.82
CA ASN D 196 -1.45 12.30 9.79
C ASN D 196 -2.41 12.62 10.93
N VAL D 197 -2.45 13.84 11.46
CA VAL D 197 -3.42 14.22 12.48
C VAL D 197 -4.84 14.01 11.97
N PHE D 198 -5.17 14.46 10.76
CA PHE D 198 -6.49 14.19 10.20
C PHE D 198 -6.70 12.72 9.88
N ALA D 199 -5.74 11.97 9.36
CA ALA D 199 -5.92 10.55 9.08
C ALA D 199 -6.30 9.76 10.34
N ARG D 200 -5.70 10.08 11.49
CA ARG D 200 -6.09 9.50 12.79
C ARG D 200 -7.48 9.95 13.21
N GLN D 201 -7.74 11.26 13.20
CA GLN D 201 -9.00 11.82 13.68
C GLN D 201 -10.20 11.39 12.83
N ILE D 202 -10.07 11.37 11.51
CA ILE D 202 -11.10 10.89 10.60
C ILE D 202 -11.38 9.41 10.83
N GLY D 203 -10.35 8.58 11.03
CA GLY D 203 -10.53 7.17 11.35
C GLY D 203 -11.35 6.97 12.63
N GLY D 204 -11.01 7.71 13.68
CA GLY D 204 -11.75 7.69 14.94
C GLY D 204 -13.19 8.18 14.78
N PHE D 205 -13.41 9.21 13.98
CA PHE D 205 -14.74 9.74 13.70
C PHE D 205 -15.60 8.77 12.88
N LYS D 206 -15.08 8.19 11.79
CA LYS D 206 -15.82 7.19 11.00
C LYS D 206 -16.16 5.97 11.83
N ALA D 207 -15.27 5.56 12.72
CA ALA D 207 -15.56 4.49 13.67
C ALA D 207 -16.68 4.85 14.64
N MET D 208 -16.63 6.02 15.26
CA MET D 208 -17.67 6.49 16.17
C MET D 208 -19.02 6.61 15.48
N LEU D 209 -19.07 7.19 14.28
CA LEU D 209 -20.30 7.28 13.50
C LEU D 209 -20.83 5.89 13.11
N GLY D 210 -19.93 4.97 12.77
CA GLY D 210 -20.28 3.59 12.51
C GLY D 210 -20.91 2.89 13.72
N ASP D 211 -20.43 3.17 14.93
CA ASP D 211 -21.02 2.61 16.15
C ASP D 211 -22.37 3.22 16.51
N VAL D 212 -22.62 4.50 16.19
CA VAL D 212 -23.98 5.06 16.27
C VAL D 212 -24.89 4.38 15.26
N ALA D 213 -24.48 4.23 14.01
CA ALA D 213 -25.26 3.52 13.01
C ALA D 213 -25.53 2.07 13.42
N ALA D 214 -24.55 1.37 13.98
CA ALA D 214 -24.73 0.03 14.51
C ALA D 214 -25.80 -0.01 15.59
N GLN D 215 -25.82 0.96 16.52
CA GLN D 215 -26.86 0.99 17.54
C GLN D 215 -28.26 1.16 16.92
N VAL D 216 -28.42 2.01 15.91
CA VAL D 216 -29.71 2.17 15.22
C VAL D 216 -30.16 0.86 14.55
N LEU D 217 -29.28 0.16 13.85
CA LEU D 217 -29.61 -1.13 13.25
C LEU D 217 -29.96 -2.18 14.29
N LEU D 218 -29.21 -2.26 15.39
CA LEU D 218 -29.48 -3.19 16.47
C LEU D 218 -30.85 -2.91 17.10
N LEU D 219 -31.13 -1.65 17.43
CA LEU D 219 -32.42 -1.26 18.01
C LEU D 219 -33.58 -1.60 17.07
N GLN D 220 -33.50 -1.25 15.80
CA GLN D 220 -34.57 -1.53 14.85
C GLN D 220 -34.77 -3.04 14.68
N SER D 221 -33.69 -3.79 14.47
CA SER D 221 -33.76 -5.23 14.26
C SER D 221 -34.38 -5.94 15.46
N ARG D 222 -33.95 -5.59 16.67
CA ARG D 222 -34.49 -6.15 17.91
C ARG D 222 -35.96 -5.78 18.12
N ASP D 223 -36.34 -4.55 17.83
CA ASP D 223 -37.71 -4.07 17.97
C ASP D 223 -38.67 -4.79 17.01
N LEU D 224 -38.28 -4.98 15.75
CA LEU D 224 -39.06 -5.74 14.78
C LEU D 224 -39.28 -7.19 15.24
N ASP D 225 -38.26 -7.85 15.79
CA ASP D 225 -38.40 -9.23 16.27
C ASP D 225 -39.33 -9.35 17.46
N LEU D 226 -39.23 -8.44 18.43
CA LEU D 226 -40.12 -8.44 19.58
C LEU D 226 -41.57 -8.11 19.21
N GLU D 227 -41.79 -7.20 18.25
CA GLU D 227 -43.13 -6.96 17.72
C GLU D 227 -43.68 -8.18 16.96
N ALA D 228 -42.87 -8.81 16.10
CA ALA D 228 -43.29 -10.00 15.36
C ALA D 228 -43.61 -11.18 16.29
N SER D 229 -42.90 -11.31 17.41
CA SER D 229 -43.24 -12.28 18.46
C SER D 229 -44.57 -11.95 19.13
N ALA D 230 -44.78 -10.71 19.59
CA ALA D 230 -46.02 -10.32 20.23
C ALA D 230 -47.25 -10.52 19.33
N ALA D 231 -47.10 -10.31 18.02
CA ALA D 231 -48.15 -10.53 17.03
C ALA D 231 -48.60 -12.00 16.89
N ALA D 232 -47.81 -12.98 17.34
CA ALA D 232 -48.15 -14.40 17.28
C ALA D 232 -49.21 -14.83 18.32
N HIS D 233 -49.42 -14.00 19.35
CA HIS D 233 -50.38 -14.31 20.45
C HIS D 233 -51.40 -13.18 20.56
N THR E 8 31.06 28.33 -27.47
CA THR E 8 29.96 27.36 -27.60
C THR E 8 28.77 27.82 -26.77
N ASP E 9 27.55 27.76 -27.33
CA ASP E 9 26.34 28.17 -26.62
C ASP E 9 25.97 27.20 -25.48
N LEU E 10 25.70 27.76 -24.30
CA LEU E 10 25.26 27.03 -23.10
C LEU E 10 23.83 27.37 -22.68
N SER E 11 23.06 28.05 -23.53
CA SER E 11 21.59 28.06 -23.40
C SER E 11 21.06 26.62 -23.36
N VAL E 12 19.88 26.41 -22.79
CA VAL E 12 19.25 25.07 -22.75
C VAL E 12 19.13 24.47 -24.16
N TRP E 13 18.88 25.30 -25.18
CA TRP E 13 18.89 24.84 -26.56
C TRP E 13 20.29 24.49 -27.08
N GLY E 14 21.29 25.34 -26.89
CA GLY E 14 22.67 25.06 -27.31
C GLY E 14 23.24 23.82 -26.62
N MET E 15 22.78 23.60 -25.38
CA MET E 15 23.16 22.43 -24.55
C MET E 15 22.53 21.18 -25.18
N TYR E 16 21.22 21.19 -25.43
CA TYR E 16 20.57 20.11 -26.19
C TYR E 16 21.23 19.86 -27.56
N GLN E 17 21.69 20.90 -28.25
CA GLN E 17 22.32 20.75 -29.59
C GLN E 17 23.72 20.14 -29.49
N HIS E 18 24.38 20.21 -28.34
CA HIS E 18 25.75 19.69 -28.17
C HIS E 18 25.69 18.26 -27.64
N ALA E 19 24.58 17.89 -26.99
CA ALA E 19 24.44 16.58 -26.34
C ALA E 19 24.59 15.35 -27.28
N ASP E 20 25.02 14.23 -26.71
CA ASP E 20 25.15 12.94 -27.40
C ASP E 20 23.78 12.37 -27.85
N ILE E 21 23.74 11.54 -28.89
CA ILE E 21 22.50 11.01 -29.46
C ILE E 21 21.67 10.23 -28.44
N VAL E 22 22.32 9.50 -27.53
CA VAL E 22 21.64 8.78 -26.44
C VAL E 22 20.92 9.74 -25.50
N VAL E 23 21.56 10.86 -25.15
CA VAL E 23 20.95 11.89 -24.29
C VAL E 23 19.86 12.65 -25.04
N LYS E 24 20.06 12.97 -26.33
CA LYS E 24 19.03 13.60 -27.18
C LYS E 24 17.75 12.78 -27.20
N CYS E 25 17.81 11.49 -27.53
CA CYS E 25 16.59 10.69 -27.62
C CYS E 25 15.97 10.41 -26.24
N VAL E 26 16.73 10.44 -25.14
CA VAL E 26 16.16 10.48 -23.78
C VAL E 26 15.37 11.77 -23.56
N MET E 27 15.93 12.92 -23.87
CA MET E 27 15.22 14.20 -23.70
C MET E 27 13.97 14.26 -24.57
N ILE E 28 14.04 13.86 -25.84
CA ILE E 28 12.85 13.81 -26.71
C ILE E 28 11.82 12.83 -26.18
N GLY E 29 12.23 11.64 -25.73
CA GLY E 29 11.29 10.66 -25.17
C GLY E 29 10.55 11.18 -23.94
N LEU E 30 11.24 11.86 -23.03
CA LEU E 30 10.64 12.48 -21.86
C LEU E 30 9.72 13.65 -22.24
N ILE E 31 10.12 14.49 -23.19
CA ILE E 31 9.28 15.58 -23.66
C ILE E 31 7.99 15.02 -24.25
N LEU E 32 8.05 14.02 -25.12
CA LEU E 32 6.85 13.38 -25.67
C LEU E 32 6.00 12.73 -24.57
N ALA E 33 6.60 12.12 -23.57
CA ALA E 33 5.85 11.61 -22.42
C ALA E 33 5.11 12.73 -21.66
N SER E 34 5.71 13.92 -21.52
CA SER E 34 4.98 15.05 -20.94
C SER E 34 3.85 15.56 -21.85
N VAL E 35 4.01 15.55 -23.17
CA VAL E 35 2.92 15.92 -24.09
C VAL E 35 1.76 14.96 -23.93
N VAL E 36 2.02 13.66 -23.86
CA VAL E 36 1.00 12.65 -23.57
C VAL E 36 0.37 12.87 -22.20
N THR E 37 1.14 13.20 -21.17
CA THR E 37 0.63 13.33 -19.78
C THR E 37 -0.40 14.45 -19.71
N TRP E 38 -0.17 15.57 -20.39
CA TRP E 38 -1.14 16.66 -20.46
C TRP E 38 -2.29 16.40 -21.43
N ALA E 39 -2.04 15.75 -22.57
CA ALA E 39 -3.12 15.38 -23.49
C ALA E 39 -4.14 14.44 -22.82
N ILE E 40 -3.68 13.47 -22.03
CA ILE E 40 -4.55 12.63 -21.22
C ILE E 40 -5.27 13.48 -20.17
N PHE E 41 -4.58 14.36 -19.45
CA PHE E 41 -5.21 15.18 -18.43
C PHE E 41 -6.37 16.01 -18.94
N PHE E 42 -6.19 16.75 -20.03
CA PHE E 42 -7.27 17.55 -20.59
C PHE E 42 -8.39 16.69 -21.17
N SER E 43 -8.07 15.56 -21.81
CA SER E 43 -9.08 14.65 -22.33
C SER E 43 -9.94 14.04 -21.22
N LYS E 44 -9.31 13.46 -20.20
CA LYS E 44 -10.02 12.82 -19.08
C LYS E 44 -10.78 13.83 -18.23
N SER E 45 -10.21 15.01 -17.96
CA SER E 45 -10.87 15.98 -17.07
C SER E 45 -12.16 16.53 -17.65
N VAL E 46 -12.20 16.85 -18.94
CA VAL E 46 -13.44 17.30 -19.58
C VAL E 46 -14.50 16.21 -19.56
N GLU E 47 -14.12 14.95 -19.76
CA GLU E 47 -15.08 13.86 -19.67
C GLU E 47 -15.56 13.63 -18.24
N PHE E 48 -14.67 13.58 -17.25
CA PHE E 48 -15.06 13.41 -15.85
C PHE E 48 -15.92 14.56 -15.36
N PHE E 49 -15.60 15.80 -15.70
CA PHE E 49 -16.45 16.93 -15.35
C PHE E 49 -17.85 16.78 -15.92
N ASN E 50 -17.99 16.43 -17.21
CA ASN E 50 -19.30 16.23 -17.81
C ASN E 50 -20.06 15.05 -17.20
N GLN E 51 -19.40 13.92 -16.92
CA GLN E 51 -20.07 12.72 -16.37
C GLN E 51 -20.43 12.94 -14.89
N LYS E 52 -19.61 13.64 -14.12
CA LYS E 52 -19.90 14.02 -12.73
C LYS E 52 -21.10 14.96 -12.66
N ARG E 53 -21.09 16.01 -13.47
CA ARG E 53 -22.16 17.01 -13.56
C ARG E 53 -23.48 16.39 -13.98
N ARG E 54 -23.47 15.52 -14.98
CA ARG E 54 -24.64 14.79 -15.47
C ARG E 54 -25.23 13.85 -14.41
N LEU E 55 -24.40 12.99 -13.83
CA LEU E 55 -24.86 12.02 -12.83
C LEU E 55 -25.37 12.71 -11.56
N LYS E 56 -24.73 13.80 -11.12
CA LYS E 56 -25.21 14.60 -9.98
C LYS E 56 -26.63 15.11 -10.23
N ARG E 57 -26.89 15.68 -11.41
CA ARG E 57 -28.23 16.15 -11.80
C ARG E 57 -29.24 15.00 -11.84
N GLU E 58 -28.89 13.88 -12.45
CA GLU E 58 -29.77 12.71 -12.50
C GLU E 58 -30.10 12.17 -11.11
N GLN E 59 -29.13 12.03 -10.22
CA GLN E 59 -29.38 11.58 -8.85
C GLN E 59 -30.32 12.53 -8.12
N GLN E 60 -30.06 13.83 -8.21
CA GLN E 60 -30.89 14.84 -7.56
C GLN E 60 -32.33 14.80 -8.07
N LEU E 61 -32.52 14.49 -9.36
CA LEU E 61 -33.81 14.42 -10.01
C LEU E 61 -34.55 13.08 -9.79
N LEU E 62 -33.83 12.00 -9.50
CA LEU E 62 -34.42 10.71 -9.10
C LEU E 62 -34.84 10.67 -7.62
N ALA E 63 -34.38 11.60 -6.78
CA ALA E 63 -34.59 11.54 -5.34
C ALA E 63 -36.07 11.49 -4.92
N GLU E 64 -36.99 12.14 -5.64
CA GLU E 64 -38.42 12.09 -5.32
C GLU E 64 -39.10 10.75 -5.64
N ALA E 65 -38.50 9.85 -6.44
CA ALA E 65 -39.16 8.63 -6.87
C ALA E 65 -39.66 7.77 -5.69
N ARG E 66 -40.97 7.53 -5.61
CA ARG E 66 -41.60 6.67 -4.60
C ARG E 66 -41.51 5.18 -4.95
N SER E 67 -41.39 4.87 -6.23
CA SER E 67 -41.49 3.53 -6.79
C SER E 67 -40.61 3.38 -8.03
N LEU E 68 -40.32 2.15 -8.44
CA LEU E 68 -39.50 1.90 -9.62
C LEU E 68 -40.19 2.36 -10.90
N ASN E 69 -41.52 2.32 -10.96
CA ASN E 69 -42.28 2.87 -12.08
C ASN E 69 -42.10 4.39 -12.20
N GLN E 70 -42.16 5.14 -11.09
CA GLN E 70 -41.84 6.57 -11.14
C GLN E 70 -40.40 6.81 -11.58
N ALA E 71 -39.44 6.01 -11.12
CA ALA E 71 -38.06 6.15 -11.53
C ALA E 71 -37.90 5.93 -13.04
N ASN E 72 -38.59 4.95 -13.62
CA ASN E 72 -38.58 4.79 -15.07
C ASN E 72 -39.21 5.99 -15.80
N ASP E 73 -40.34 6.50 -15.35
CA ASP E 73 -40.99 7.65 -15.97
C ASP E 73 -40.15 8.94 -15.87
N ILE E 74 -39.44 9.14 -14.76
CA ILE E 74 -38.47 10.22 -14.61
C ILE E 74 -37.29 10.02 -15.56
N ALA E 75 -36.70 8.82 -15.59
CA ALA E 75 -35.49 8.57 -16.36
C ALA E 75 -35.72 8.45 -17.87
N ALA E 76 -36.95 8.24 -18.34
CA ALA E 76 -37.26 8.11 -19.76
C ALA E 76 -36.85 9.34 -20.61
N ASP E 77 -36.79 10.52 -20.00
CA ASP E 77 -36.34 11.75 -20.65
C ASP E 77 -34.80 11.90 -20.70
N PHE E 78 -34.06 11.03 -19.99
CA PHE E 78 -32.56 11.07 -19.98
C PHE E 78 -32.04 10.52 -21.31
N GLY E 79 -31.01 11.16 -21.88
CA GLY E 79 -30.43 10.72 -23.16
C GLY E 79 -29.79 9.31 -23.09
N SER E 80 -29.63 8.66 -24.23
CA SER E 80 -29.26 7.22 -24.30
C SER E 80 -27.99 6.85 -23.52
N LYS E 81 -26.99 7.73 -23.47
CA LYS E 81 -25.73 7.50 -22.73
C LYS E 81 -25.84 7.67 -21.21
N SER E 82 -27.03 7.98 -20.68
CA SER E 82 -27.26 8.18 -19.25
C SER E 82 -26.97 6.93 -18.42
N LEU E 83 -26.06 7.04 -17.45
CA LEU E 83 -25.70 5.92 -16.60
C LEU E 83 -26.84 5.51 -15.67
N SER E 84 -27.62 6.45 -15.15
CA SER E 84 -28.74 6.10 -14.28
C SER E 84 -29.89 5.44 -15.04
N LEU E 85 -30.19 5.88 -16.26
CA LEU E 85 -31.13 5.17 -17.14
C LEU E 85 -30.62 3.78 -17.45
N HIS E 86 -29.32 3.63 -17.72
CA HIS E 86 -28.73 2.32 -17.97
C HIS E 86 -28.87 1.37 -16.77
N LEU E 87 -28.64 1.85 -15.54
CA LEU E 87 -28.89 1.07 -14.32
C LEU E 87 -30.37 0.71 -14.15
N LEU E 88 -31.30 1.63 -14.41
CA LEU E 88 -32.73 1.32 -14.33
C LEU E 88 -33.14 0.28 -15.38
N ASN E 89 -32.61 0.34 -16.59
CA ASN E 89 -32.83 -0.70 -17.59
C ASN E 89 -32.29 -2.05 -17.12
N GLU E 90 -31.12 -2.13 -16.49
CA GLU E 90 -30.61 -3.39 -15.95
C GLU E 90 -31.57 -3.97 -14.90
N ALA E 91 -32.14 -3.14 -14.03
CA ALA E 91 -33.09 -3.60 -13.03
C ALA E 91 -34.43 -4.05 -13.62
N GLN E 92 -35.02 -3.26 -14.51
CA GLN E 92 -36.28 -3.63 -15.15
C GLN E 92 -36.13 -4.85 -16.05
N ASN E 93 -34.98 -5.01 -16.72
CA ASN E 93 -34.72 -6.18 -17.54
C ASN E 93 -34.66 -7.46 -16.71
N GLU E 94 -34.16 -7.43 -15.47
CA GLU E 94 -34.19 -8.65 -14.65
C GLU E 94 -35.61 -9.08 -14.28
N LEU E 95 -36.54 -8.14 -14.14
CA LEU E 95 -37.96 -8.46 -13.99
C LEU E 95 -38.50 -9.08 -15.28
N GLU E 96 -38.33 -8.44 -16.43
CA GLU E 96 -38.93 -8.95 -17.68
C GLU E 96 -38.32 -10.27 -18.15
N LEU E 97 -37.07 -10.59 -17.77
CA LEU E 97 -36.46 -11.90 -18.02
C LEU E 97 -37.00 -13.00 -17.10
N SER E 98 -37.70 -12.68 -16.01
CA SER E 98 -38.08 -13.67 -15.01
C SER E 98 -39.52 -13.56 -14.52
N GLU E 99 -40.39 -13.08 -15.40
CA GLU E 99 -41.81 -12.87 -15.03
C GLU E 99 -42.39 -14.13 -14.36
N GLY E 100 -42.09 -15.31 -14.91
CA GLY E 100 -42.67 -16.55 -14.36
C GLY E 100 -42.23 -16.81 -12.92
N SER E 101 -41.05 -16.32 -12.55
CA SER E 101 -40.49 -16.61 -11.19
C SER E 101 -41.41 -16.08 -10.11
N ASP E 102 -41.49 -16.78 -8.97
CA ASP E 102 -42.30 -16.28 -7.83
C ASP E 102 -41.35 -16.01 -6.65
N ASP E 103 -40.05 -16.28 -6.85
CA ASP E 103 -39.05 -16.07 -5.77
C ASP E 103 -38.55 -14.63 -5.81
N ASN E 104 -39.24 -13.74 -5.10
CA ASN E 104 -38.84 -12.30 -5.10
C ASN E 104 -37.39 -12.19 -4.63
N GLU E 105 -37.01 -13.01 -3.65
CA GLU E 105 -35.64 -12.91 -3.09
C GLU E 105 -34.61 -13.16 -4.21
N GLY E 106 -34.89 -14.12 -5.08
CA GLY E 106 -33.96 -14.38 -6.20
C GLY E 106 -33.83 -13.14 -7.06
N ILE E 107 -34.97 -12.60 -7.51
CA ILE E 107 -34.94 -11.36 -8.34
C ILE E 107 -34.08 -10.33 -7.62
N LYS E 108 -34.34 -10.12 -6.33
CA LYS E 108 -33.54 -9.14 -5.57
C LYS E 108 -32.06 -9.50 -5.61
N GLU E 109 -31.71 -10.76 -5.39
CA GLU E 109 -30.31 -11.21 -5.45
C GLU E 109 -29.72 -11.08 -6.85
N ARG E 110 -30.39 -11.57 -7.88
CA ARG E 110 -29.93 -11.46 -9.28
C ARG E 110 -29.76 -10.00 -9.68
N THR E 111 -30.70 -9.14 -9.32
CA THR E 111 -30.60 -7.70 -9.65
C THR E 111 -29.45 -7.04 -8.90
N SER E 112 -29.30 -7.30 -7.61
CA SER E 112 -28.19 -6.77 -6.82
C SER E 112 -26.85 -7.16 -7.43
N PHE E 113 -26.70 -8.41 -7.83
CA PHE E 113 -25.50 -8.90 -8.50
C PHE E 113 -25.25 -8.20 -9.84
N ARG E 114 -26.28 -8.04 -10.69
CA ARG E 114 -26.15 -7.30 -11.96
C ARG E 114 -25.74 -5.86 -11.75
N LEU E 115 -26.36 -5.13 -10.84
CA LEU E 115 -26.04 -3.70 -10.68
C LEU E 115 -24.65 -3.51 -10.09
N GLU E 116 -24.21 -4.32 -9.13
CA GLU E 116 -22.85 -4.22 -8.58
C GLU E 116 -21.81 -4.46 -9.68
N ARG E 117 -22.05 -5.47 -10.52
CA ARG E 117 -21.20 -5.76 -11.69
C ARG E 117 -21.17 -4.61 -12.68
N ARG E 118 -22.32 -3.99 -12.97
CA ARG E 118 -22.40 -2.83 -13.87
C ARG E 118 -21.65 -1.62 -13.32
N VAL E 119 -21.79 -1.31 -12.03
CA VAL E 119 -21.04 -0.20 -11.40
C VAL E 119 -19.54 -0.45 -11.49
N ALA E 120 -19.09 -1.67 -11.21
CA ALA E 120 -17.68 -2.02 -11.38
C ALA E 120 -17.22 -1.86 -12.84
N ALA E 121 -18.02 -2.27 -13.81
CA ALA E 121 -17.70 -2.10 -15.23
C ALA E 121 -17.58 -0.64 -15.65
N VAL E 122 -18.45 0.24 -15.15
CA VAL E 122 -18.32 1.69 -15.40
C VAL E 122 -17.05 2.23 -14.75
N GLY E 123 -16.69 1.78 -13.55
CA GLY E 123 -15.41 2.12 -12.94
C GLY E 123 -14.21 1.70 -13.80
N ARG E 124 -14.20 0.46 -14.30
CA ARG E 124 -13.15 -0.03 -15.21
C ARG E 124 -13.07 0.81 -16.48
N GLN E 125 -14.20 1.09 -17.12
CA GLN E 125 -14.26 1.87 -18.36
C GLN E 125 -13.78 3.30 -18.15
N MET E 126 -14.08 3.90 -17.01
CA MET E 126 -13.66 5.25 -16.67
C MET E 126 -12.15 5.34 -16.33
N GLY E 127 -11.57 4.26 -15.83
CA GLY E 127 -10.14 4.13 -15.57
C GLY E 127 -9.25 3.93 -16.79
N ARG E 128 -9.81 3.96 -18.01
CA ARG E 128 -9.06 3.82 -19.27
C ARG E 128 -7.97 4.90 -19.39
N GLY E 129 -6.80 4.53 -19.87
CA GLY E 129 -5.67 5.44 -20.09
C GLY E 129 -4.82 5.74 -18.85
N ASN E 130 -5.27 5.42 -17.64
CA ASN E 130 -4.45 5.67 -16.44
C ASN E 130 -3.14 4.88 -16.40
N GLY E 131 -3.04 3.75 -17.11
CA GLY E 131 -1.80 2.97 -17.19
C GLY E 131 -0.64 3.76 -17.78
N TYR E 132 -0.89 4.68 -18.70
CA TYR E 132 0.15 5.57 -19.21
C TYR E 132 0.63 6.53 -18.12
N LEU E 133 -0.27 7.09 -17.31
CA LEU E 133 0.10 8.01 -16.25
C LEU E 133 0.91 7.31 -15.16
N ALA E 134 0.51 6.11 -14.75
CA ALA E 134 1.29 5.32 -13.80
C ALA E 134 2.68 5.01 -14.35
N THR E 135 2.76 4.52 -15.57
CA THR E 135 4.03 4.12 -16.18
C THR E 135 4.95 5.32 -16.38
N ILE E 136 4.46 6.43 -16.94
CA ILE E 136 5.25 7.64 -17.10
C ILE E 136 5.71 8.16 -15.74
N GLY E 137 4.86 8.13 -14.71
CA GLY E 137 5.25 8.51 -13.36
C GLY E 137 6.32 7.61 -12.75
N ALA E 138 6.26 6.31 -12.97
CA ALA E 138 7.24 5.36 -12.44
C ALA E 138 8.58 5.39 -13.18
N ILE E 139 8.58 5.38 -14.53
CA ILE E 139 9.83 5.23 -15.29
C ILE E 139 10.50 6.55 -15.62
N SER E 140 9.79 7.67 -15.77
CA SER E 140 10.46 8.89 -16.26
C SER E 140 11.56 9.40 -15.36
N PRO E 141 11.53 9.25 -14.01
CA PRO E 141 12.70 9.47 -13.18
C PRO E 141 13.89 8.60 -13.61
N PHE E 142 13.68 7.29 -13.69
CA PHE E 142 14.78 6.35 -14.07
C PHE E 142 15.28 6.72 -15.45
N VAL E 143 14.36 6.98 -16.38
CA VAL E 143 14.78 7.29 -17.79
C VAL E 143 15.70 8.50 -17.73
N GLY E 144 15.37 9.48 -16.88
CA GLY E 144 16.25 10.65 -16.72
C GLY E 144 17.57 10.23 -16.08
N LEU E 145 17.50 9.54 -14.95
CA LEU E 145 18.72 9.06 -14.28
C LEU E 145 19.67 8.48 -15.34
N PHE E 146 19.16 7.57 -16.16
CA PHE E 146 19.99 6.95 -17.19
C PHE E 146 20.65 8.01 -18.08
N GLY E 147 19.88 9.02 -18.51
CA GLY E 147 20.43 10.15 -19.25
C GLY E 147 21.54 10.88 -18.48
N THR E 148 21.41 11.02 -17.15
CA THR E 148 22.49 11.59 -16.34
C THR E 148 23.75 10.74 -16.41
N VAL E 149 23.63 9.43 -16.14
CA VAL E 149 24.77 8.52 -16.04
C VAL E 149 25.48 8.38 -17.37
N TRP E 150 24.75 8.35 -18.49
CA TRP E 150 25.39 8.35 -19.80
C TRP E 150 26.18 9.64 -20.05
N GLY E 151 25.65 10.79 -19.65
CA GLY E 151 26.38 12.06 -19.72
C GLY E 151 27.64 12.06 -18.84
N ILE E 152 27.54 11.53 -17.62
CA ILE E 152 28.71 11.35 -16.74
C ILE E 152 29.74 10.46 -17.42
N MET E 153 29.39 9.28 -17.93
CA MET E 153 30.33 8.40 -18.61
C MET E 153 31.02 9.08 -19.78
N ASN E 154 30.27 9.71 -20.68
CA ASN E 154 30.87 10.41 -21.80
C ASN E 154 31.89 11.46 -21.36
N SER E 155 31.62 12.18 -20.27
CA SER E 155 32.55 13.19 -19.78
C SER E 155 33.85 12.58 -19.23
N PHE E 156 33.77 11.48 -18.48
CA PHE E 156 34.97 10.79 -17.99
C PHE E 156 35.73 10.09 -19.12
N ILE E 157 35.05 9.51 -20.11
CA ILE E 157 35.70 9.02 -21.34
C ILE E 157 36.40 10.18 -22.04
N GLY E 158 35.80 11.36 -22.12
CA GLY E 158 36.42 12.56 -22.69
C GLY E 158 37.68 13.01 -21.94
N ILE E 159 37.64 13.02 -20.61
CA ILE E 159 38.81 13.27 -19.76
C ILE E 159 39.95 12.29 -20.11
N ALA E 160 39.64 10.99 -20.13
CA ALA E 160 40.63 9.96 -20.44
C ALA E 160 41.19 10.11 -21.87
N GLN E 161 40.33 10.21 -22.87
CA GLN E 161 40.78 10.31 -24.29
C GLN E 161 41.68 11.55 -24.49
N THR E 162 41.30 12.68 -23.92
CA THR E 162 42.04 13.95 -24.08
C THR E 162 43.25 14.08 -23.13
N GLN E 163 43.37 13.22 -22.11
CA GLN E 163 44.36 13.32 -21.03
C GLN E 163 44.33 14.67 -20.28
N THR E 164 43.19 15.35 -20.27
CA THR E 164 43.01 16.65 -19.60
C THR E 164 42.93 16.53 -18.08
N THR E 165 43.31 17.60 -17.36
CA THR E 165 43.38 17.62 -15.89
C THR E 165 42.74 18.86 -15.24
N ASN E 166 42.32 19.86 -16.03
CA ASN E 166 41.50 20.97 -15.55
C ASN E 166 40.02 20.53 -15.48
N LEU E 167 39.42 20.52 -14.30
CA LEU E 167 38.04 20.06 -14.12
C LEU E 167 37.00 20.97 -14.79
N ALA E 168 37.34 22.18 -15.21
CA ALA E 168 36.43 23.05 -15.95
C ALA E 168 35.96 22.45 -17.29
N VAL E 169 36.72 21.52 -17.90
CA VAL E 169 36.33 20.92 -19.19
C VAL E 169 35.13 19.99 -19.09
N VAL E 170 34.84 19.45 -17.91
CA VAL E 170 33.67 18.58 -17.65
C VAL E 170 32.42 19.36 -17.23
N ALA E 171 32.54 20.65 -16.90
CA ALA E 171 31.38 21.47 -16.52
C ALA E 171 30.24 21.49 -17.57
N PRO E 172 30.49 21.61 -18.89
CA PRO E 172 29.44 21.42 -19.90
C PRO E 172 28.81 20.02 -19.83
N GLY E 173 29.63 18.98 -19.70
CA GLY E 173 29.16 17.59 -19.69
C GLY E 173 28.21 17.30 -18.52
N ILE E 174 28.55 17.77 -17.32
CA ILE E 174 27.66 17.59 -16.16
C ILE E 174 26.44 18.51 -16.23
N ALA E 175 26.49 19.64 -16.93
CA ALA E 175 25.28 20.38 -17.21
C ALA E 175 24.29 19.58 -18.08
N GLU E 176 24.75 18.76 -19.05
CA GLU E 176 23.88 17.83 -19.76
C GLU E 176 23.20 16.86 -18.80
N ALA E 177 23.98 16.27 -17.89
CA ALA E 177 23.46 15.31 -16.95
C ALA E 177 22.42 15.93 -16.01
N LEU E 178 22.68 17.12 -15.50
CA LEU E 178 21.71 17.85 -14.70
C LEU E 178 20.45 18.16 -15.52
N LEU E 179 20.56 18.57 -16.79
CA LEU E 179 19.38 18.82 -17.62
C LEU E 179 18.56 17.54 -17.84
N ALA E 180 19.21 16.41 -18.12
CA ALA E 180 18.53 15.14 -18.23
C ALA E 180 17.83 14.72 -16.93
N THR E 181 18.36 15.12 -15.78
CA THR E 181 17.67 14.98 -14.48
C THR E 181 16.43 15.87 -14.46
N ALA E 182 16.56 17.14 -14.78
CA ALA E 182 15.49 18.12 -14.69
C ALA E 182 14.29 17.74 -15.55
N ILE E 183 14.52 17.41 -16.82
CA ILE E 183 13.46 16.98 -17.74
C ILE E 183 12.80 15.69 -17.24
N GLY E 184 13.53 14.84 -16.53
CA GLY E 184 12.97 13.67 -15.84
C GLY E 184 11.92 14.07 -14.80
N LEU E 185 12.23 15.01 -13.90
CA LEU E 185 11.26 15.48 -12.92
C LEU E 185 10.07 16.21 -13.57
N VAL E 186 10.31 17.01 -14.61
CA VAL E 186 9.25 17.70 -15.35
C VAL E 186 8.27 16.74 -15.99
N ALA E 187 8.71 15.57 -16.47
CA ALA E 187 7.79 14.52 -16.91
C ALA E 187 7.15 13.77 -15.74
N ALA E 188 7.90 13.45 -14.69
CA ALA E 188 7.44 12.59 -13.61
C ALA E 188 6.40 13.23 -12.71
N ILE E 189 6.64 14.45 -12.24
CA ILE E 189 5.83 15.04 -11.17
C ILE E 189 4.38 15.27 -11.61
N PRO E 190 4.08 15.90 -12.76
CA PRO E 190 2.70 16.02 -13.22
C PRO E 190 2.03 14.66 -13.38
N ALA E 191 2.72 13.67 -13.94
CA ALA E 191 2.14 12.35 -14.15
C ALA E 191 1.73 11.69 -12.83
N VAL E 192 2.57 11.75 -11.80
CA VAL E 192 2.24 11.18 -10.48
C VAL E 192 1.10 11.97 -9.82
N VAL E 193 1.13 13.30 -9.87
CA VAL E 193 0.03 14.11 -9.31
C VAL E 193 -1.28 13.79 -10.01
N ILE E 194 -1.30 13.77 -11.34
CA ILE E 194 -2.52 13.52 -12.11
C ILE E 194 -3.02 12.09 -11.91
N TYR E 195 -2.14 11.08 -11.80
CA TYR E 195 -2.60 9.73 -11.49
C TYR E 195 -3.30 9.67 -10.13
N ASN E 196 -2.72 10.26 -9.09
CA ASN E 196 -3.35 10.32 -7.78
C ASN E 196 -4.68 11.08 -7.83
N VAL E 197 -4.76 12.18 -8.57
CA VAL E 197 -6.01 12.92 -8.76
C VAL E 197 -7.08 12.06 -9.42
N PHE E 198 -6.79 11.44 -10.57
CA PHE E 198 -7.80 10.61 -11.22
C PHE E 198 -8.15 9.36 -10.43
N ALA E 199 -7.23 8.75 -9.69
CA ALA E 199 -7.57 7.65 -8.80
C ALA E 199 -8.60 8.07 -7.74
N ARG E 200 -8.47 9.27 -7.20
CA ARG E 200 -9.44 9.84 -6.24
C ARG E 200 -10.76 10.22 -6.91
N GLN E 201 -10.73 10.85 -8.08
CA GLN E 201 -11.95 11.20 -8.80
C GLN E 201 -12.76 9.97 -9.22
N ILE E 202 -12.11 8.90 -9.66
CA ILE E 202 -12.78 7.63 -10.00
C ILE E 202 -13.40 7.01 -8.74
N GLY E 203 -12.69 6.99 -7.61
CA GLY E 203 -13.26 6.48 -6.36
C GLY E 203 -14.51 7.25 -5.93
N GLY E 204 -14.47 8.59 -6.02
CA GLY E 204 -15.63 9.43 -5.75
C GLY E 204 -16.77 9.21 -6.72
N PHE E 205 -16.47 9.01 -8.00
CA PHE E 205 -17.47 8.74 -9.02
C PHE E 205 -18.12 7.37 -8.84
N LYS E 206 -17.33 6.32 -8.62
CA LYS E 206 -17.84 4.97 -8.28
C LYS E 206 -18.74 5.01 -7.06
N ALA E 207 -18.39 5.79 -6.05
CA ALA E 207 -19.23 5.94 -4.87
C ALA E 207 -20.56 6.62 -5.21
N MET E 208 -20.55 7.72 -5.96
CA MET E 208 -21.79 8.39 -6.37
C MET E 208 -22.67 7.52 -7.25
N LEU E 209 -22.09 6.80 -8.21
CA LEU E 209 -22.83 5.85 -9.04
C LEU E 209 -23.36 4.68 -8.20
N GLY E 210 -22.59 4.22 -7.21
CA GLY E 210 -23.04 3.23 -6.24
C GLY E 210 -24.23 3.71 -5.42
N ASP E 211 -24.25 4.97 -5.01
CA ASP E 211 -25.40 5.55 -4.30
C ASP E 211 -26.64 5.61 -5.20
N VAL E 212 -26.49 5.88 -6.51
CA VAL E 212 -27.60 5.79 -7.46
C VAL E 212 -28.06 4.35 -7.65
N ALA E 213 -27.14 3.42 -7.84
CA ALA E 213 -27.48 2.00 -7.98
C ALA E 213 -28.18 1.46 -6.73
N ALA E 214 -27.78 1.90 -5.53
CA ALA E 214 -28.45 1.54 -4.30
C ALA E 214 -29.90 2.04 -4.27
N GLN E 215 -30.18 3.26 -4.74
CA GLN E 215 -31.56 3.72 -4.81
C GLN E 215 -32.40 2.84 -5.73
N VAL E 216 -31.86 2.35 -6.85
CA VAL E 216 -32.59 1.43 -7.73
C VAL E 216 -32.92 0.13 -7.02
N LEU E 217 -31.97 -0.46 -6.29
CA LEU E 217 -32.23 -1.67 -5.52
C LEU E 217 -33.24 -1.46 -4.40
N LEU E 218 -33.19 -0.33 -3.71
CA LEU E 218 -34.15 0.00 -2.65
C LEU E 218 -35.55 0.13 -3.22
N LEU E 219 -35.72 0.84 -4.34
CA LEU E 219 -37.01 0.98 -5.02
C LEU E 219 -37.55 -0.38 -5.47
N GLN E 220 -36.74 -1.19 -6.13
CA GLN E 220 -37.17 -2.50 -6.60
C GLN E 220 -37.53 -3.41 -5.44
N SER E 221 -36.68 -3.48 -4.42
CA SER E 221 -36.90 -4.35 -3.27
C SER E 221 -38.18 -3.99 -2.53
N ARG E 222 -38.41 -2.70 -2.29
CA ARG E 222 -39.62 -2.23 -1.64
C ARG E 222 -40.87 -2.48 -2.48
N ASP E 223 -40.81 -2.27 -3.80
CA ASP E 223 -41.95 -2.57 -4.66
C ASP E 223 -42.30 -4.06 -4.69
N LEU E 224 -41.31 -4.94 -4.73
CA LEU E 224 -41.53 -6.39 -4.69
C LEU E 224 -42.20 -6.80 -3.38
N ASP E 225 -41.70 -6.32 -2.24
CA ASP E 225 -42.29 -6.62 -0.94
C ASP E 225 -43.73 -6.10 -0.81
N LEU E 226 -44.00 -4.87 -1.24
CA LEU E 226 -45.34 -4.28 -1.18
C LEU E 226 -46.32 -4.96 -2.14
N GLU E 227 -45.87 -5.36 -3.32
CA GLU E 227 -46.71 -6.15 -4.24
C GLU E 227 -47.07 -7.50 -3.64
N ALA E 228 -46.10 -8.17 -3.00
CA ALA E 228 -46.32 -9.48 -2.39
C ALA E 228 -47.33 -9.44 -1.23
N SER E 229 -47.23 -8.47 -0.32
CA SER E 229 -48.19 -8.37 0.79
C SER E 229 -49.61 -8.04 0.30
N ALA E 230 -49.75 -7.19 -0.71
CA ALA E 230 -51.03 -6.89 -1.33
C ALA E 230 -51.65 -8.11 -2.00
N ALA E 231 -50.85 -8.94 -2.69
CA ALA E 231 -51.32 -10.17 -3.31
C ALA E 231 -51.70 -11.25 -2.28
N ALA E 232 -50.97 -11.34 -1.16
CA ALA E 232 -51.28 -12.25 -0.06
C ALA E 232 -52.58 -11.85 0.67
N HIS E 233 -52.82 -10.55 0.84
CA HIS E 233 -54.04 -10.04 1.52
C HIS E 233 -55.26 -10.37 0.67
N PRO F 10 5.86 8.24 34.49
CA PRO F 10 5.69 6.80 34.59
C PRO F 10 6.97 6.05 34.28
N TRP F 11 6.94 4.72 34.39
CA TRP F 11 8.18 3.91 34.16
C TRP F 11 8.68 3.94 32.71
N PRO F 12 7.88 4.09 31.63
CA PRO F 12 8.41 3.99 30.27
C PRO F 12 9.15 5.24 29.82
N THR F 13 8.71 6.42 30.25
CA THR F 13 9.35 7.71 29.93
C THR F 13 10.64 7.90 30.70
N LEU F 14 10.66 7.52 31.99
CA LEU F 14 11.85 7.54 32.83
C LEU F 14 12.94 6.60 32.31
N LEU F 15 12.60 5.36 31.93
CA LEU F 15 13.56 4.43 31.34
C LEU F 15 14.16 5.02 30.05
N SER F 16 13.30 5.47 29.14
CA SER F 16 13.73 6.04 27.85
C SER F 16 14.65 7.27 28.02
N VAL F 17 14.25 8.25 28.85
CA VAL F 17 15.08 9.44 29.07
C VAL F 17 16.38 9.10 29.81
N CYS F 18 16.38 8.09 30.70
CA CYS F 18 17.61 7.63 31.34
C CYS F 18 18.60 7.00 30.36
N ILE F 19 18.16 6.11 29.45
CA ILE F 19 19.10 5.49 28.49
C ILE F 19 19.64 6.51 27.47
N HIS F 20 18.86 7.52 27.09
CA HIS F 20 19.38 8.62 26.26
C HIS F 20 20.26 9.61 27.05
N GLY F 21 19.97 9.84 28.33
CA GLY F 21 20.86 10.53 29.27
C GLY F 21 22.22 9.83 29.40
N ALA F 22 22.23 8.51 29.46
CA ALA F 22 23.45 7.70 29.54
C ALA F 22 24.32 7.82 28.28
N VAL F 23 23.75 7.81 27.07
CA VAL F 23 24.56 7.97 25.85
C VAL F 23 25.09 9.41 25.71
N VAL F 24 24.30 10.45 25.99
CA VAL F 24 24.82 11.83 25.92
C VAL F 24 25.85 12.13 27.00
N ALA F 25 25.75 11.51 28.19
CA ALA F 25 26.83 11.54 29.19
C ALA F 25 28.14 10.93 28.65
N GLY F 26 28.05 9.92 27.78
CA GLY F 26 29.20 9.38 27.04
C GLY F 26 29.81 10.37 26.05
N LEU F 27 28.99 11.16 25.34
CA LEU F 27 29.49 12.25 24.49
C LEU F 27 30.17 13.35 25.32
N LEU F 28 29.62 13.73 26.47
CA LEU F 28 30.26 14.67 27.40
C LEU F 28 31.62 14.13 27.89
N TYR F 29 31.69 12.86 28.31
CA TYR F 29 32.94 12.24 28.74
C TYR F 29 33.99 12.18 27.61
N THR F 30 33.62 11.62 26.45
CA THR F 30 34.57 11.39 25.34
C THR F 30 35.02 12.69 24.66
N SER F 31 34.26 13.77 24.75
CA SER F 31 34.71 15.12 24.32
C SER F 31 35.53 15.87 25.37
N VAL F 32 35.60 15.38 26.62
CA VAL F 32 36.36 15.94 27.74
C VAL F 32 36.08 17.44 27.93
N ASP G 11 -7.77 -1.90 -6.47
CA ASP G 11 -6.47 -1.69 -7.15
C ASP G 11 -6.17 -2.85 -8.10
N ASN G 12 -5.09 -2.74 -8.89
CA ASN G 12 -4.62 -3.77 -9.82
C ASN G 12 -3.10 -4.06 -9.74
N GLY G 13 -2.38 -3.38 -8.83
CA GLY G 13 -0.97 -3.65 -8.57
C GLY G 13 0.03 -2.91 -9.47
N GLU G 14 -0.39 -1.89 -10.24
CA GLU G 14 0.51 -1.05 -11.02
C GLU G 14 1.59 -0.36 -10.17
N MET G 15 2.83 -0.33 -10.66
CA MET G 15 3.86 0.57 -10.15
C MET G 15 3.56 1.99 -10.65
N HIS G 16 3.38 2.94 -9.74
CA HIS G 16 2.79 4.25 -10.08
C HIS G 16 3.40 5.43 -9.30
N ASP G 17 4.58 5.26 -8.71
CA ASP G 17 5.19 6.26 -7.82
C ASP G 17 6.71 6.31 -7.96
N ILE G 18 7.33 7.45 -7.66
CA ILE G 18 8.81 7.62 -7.76
C ILE G 18 9.45 6.74 -6.68
N ASN G 19 10.54 6.03 -6.99
CA ASN G 19 11.15 5.04 -6.06
C ASN G 19 11.94 5.72 -4.93
N VAL G 20 12.35 6.98 -5.08
CA VAL G 20 13.12 7.76 -4.05
C VAL G 20 14.53 7.17 -3.82
N THR G 21 14.66 5.92 -3.40
CA THR G 21 15.97 5.32 -2.99
C THR G 21 16.94 5.05 -4.13
N PRO G 22 16.57 4.80 -5.41
CA PRO G 22 17.59 4.62 -6.46
C PRO G 22 18.21 5.95 -6.82
N PHE G 23 17.51 7.05 -6.57
CA PHE G 23 18.00 8.42 -6.83
C PHE G 23 19.01 8.84 -5.77
N ILE G 24 18.74 8.55 -4.49
CA ILE G 24 19.70 8.75 -3.41
C ILE G 24 20.99 8.00 -3.71
N ASP G 25 20.92 6.69 -3.92
CA ASP G 25 22.12 5.88 -4.01
C ASP G 25 22.96 6.19 -5.26
N VAL G 26 22.36 6.49 -6.42
CA VAL G 26 23.19 6.89 -7.57
C VAL G 26 23.77 8.29 -7.37
N MET G 27 23.04 9.21 -6.73
CA MET G 27 23.58 10.53 -6.44
C MET G 27 24.72 10.46 -5.42
N LEU G 28 24.63 9.53 -4.46
CA LEU G 28 25.69 9.24 -3.49
C LEU G 28 26.97 8.83 -4.23
N VAL G 29 26.91 7.91 -5.20
CA VAL G 29 28.13 7.60 -5.96
C VAL G 29 28.58 8.75 -6.86
N LEU G 30 27.69 9.55 -7.45
CA LEU G 30 28.08 10.75 -8.18
C LEU G 30 28.84 11.74 -7.29
N LEU G 31 28.41 11.91 -6.04
CA LEU G 31 29.11 12.71 -5.05
C LEU G 31 30.49 12.11 -4.74
N ILE G 32 30.57 10.81 -4.45
CA ILE G 32 31.84 10.17 -4.12
C ILE G 32 32.85 10.21 -5.27
N ILE G 33 32.44 9.97 -6.52
CA ILE G 33 33.40 10.03 -7.64
C ILE G 33 34.01 11.43 -7.79
N PHE G 34 33.23 12.50 -7.57
CA PHE G 34 33.80 13.84 -7.55
C PHE G 34 34.61 14.14 -6.30
N MET G 35 34.29 13.54 -5.14
CA MET G 35 35.16 13.64 -3.96
C MET G 35 36.53 13.01 -4.18
N VAL G 36 36.64 11.89 -4.89
CA VAL G 36 37.97 11.32 -5.22
C VAL G 36 38.63 12.02 -6.42
N ALA G 37 37.87 12.44 -7.42
CA ALA G 37 38.42 13.07 -8.62
C ALA G 37 38.90 14.50 -8.37
N ALA G 38 38.15 15.33 -7.65
CA ALA G 38 38.48 16.76 -7.53
C ALA G 38 39.84 17.04 -6.86
N PRO G 39 40.28 16.31 -5.82
CA PRO G 39 41.65 16.39 -5.31
C PRO G 39 42.76 16.03 -6.32
N LEU G 40 42.42 15.33 -7.41
CA LEU G 40 43.36 14.95 -8.47
C LEU G 40 43.29 15.85 -9.71
N ALA G 41 42.47 16.91 -9.68
CA ALA G 41 42.45 17.95 -10.71
C ALA G 41 43.38 19.12 -10.37
N THR G 42 43.70 19.97 -11.34
CA THR G 42 44.59 21.15 -11.14
C THR G 42 43.97 22.17 -10.19
N ASN H 12 -5.25 3.47 9.83
CA ASN H 12 -5.00 3.22 8.40
C ASN H 12 -5.06 4.53 7.63
N GLY H 13 -4.21 4.65 6.60
CA GLY H 13 -4.12 5.83 5.75
C GLY H 13 -3.05 6.83 6.17
N GLU H 14 -2.44 6.71 7.35
CA GLU H 14 -1.30 7.52 7.77
C GLU H 14 -0.12 7.40 6.80
N MET H 15 0.64 8.48 6.61
CA MET H 15 1.97 8.42 6.00
C MET H 15 2.97 7.99 7.08
N HIS H 16 3.70 6.90 6.84
CA HIS H 16 4.67 6.35 7.83
C HIS H 16 6.04 6.03 7.21
N ASP H 17 6.18 6.06 5.89
CA ASP H 17 7.43 5.70 5.21
C ASP H 17 8.50 6.78 5.36
N ILE H 18 9.77 6.36 5.34
CA ILE H 18 10.92 7.26 5.32
C ILE H 18 10.96 7.95 3.95
N ASN H 19 11.22 9.25 3.91
CA ASN H 19 11.43 10.01 2.68
C ASN H 19 12.68 10.89 2.81
N VAL H 20 13.81 10.43 2.29
CA VAL H 20 15.08 11.16 2.37
C VAL H 20 15.36 12.01 1.13
N THR H 21 14.39 12.19 0.22
CA THR H 21 14.64 12.84 -1.09
C THR H 21 15.35 14.19 -1.03
N PRO H 22 15.13 15.10 -0.05
CA PRO H 22 15.90 16.34 0.03
C PRO H 22 17.41 16.15 0.23
N PHE H 23 17.88 14.96 0.61
CA PHE H 23 19.31 14.69 0.66
C PHE H 23 19.92 14.57 -0.74
N ILE H 24 19.13 14.31 -1.78
CA ILE H 24 19.60 14.42 -3.16
C ILE H 24 20.05 15.86 -3.41
N ASP H 25 19.23 16.85 -3.05
CA ASP H 25 19.56 18.27 -3.16
C ASP H 25 20.83 18.62 -2.42
N VAL H 26 20.98 18.10 -1.20
CA VAL H 26 22.20 18.31 -0.39
C VAL H 26 23.41 17.72 -1.11
N MET H 27 23.31 16.50 -1.63
CA MET H 27 24.42 15.91 -2.37
C MET H 27 24.78 16.68 -3.65
N LEU H 28 23.82 17.26 -4.39
CA LEU H 28 24.18 18.17 -5.49
C LEU H 28 24.97 19.38 -4.97
N VAL H 29 24.65 19.93 -3.81
CA VAL H 29 25.41 21.05 -3.26
C VAL H 29 26.81 20.63 -2.85
N LEU H 30 27.00 19.49 -2.17
CA LEU H 30 28.36 19.02 -1.91
C LEU H 30 29.12 18.69 -3.20
N LEU H 31 28.43 18.20 -4.23
CA LEU H 31 29.03 17.96 -5.55
C LEU H 31 29.57 19.26 -6.16
N ILE H 32 28.85 20.38 -6.05
CA ILE H 32 29.38 21.68 -6.45
C ILE H 32 30.57 22.09 -5.60
N ILE H 33 30.48 22.04 -4.27
CA ILE H 33 31.56 22.60 -3.44
C ILE H 33 32.85 21.79 -3.58
N PHE H 34 32.79 20.47 -3.77
CA PHE H 34 33.98 19.69 -4.12
C PHE H 34 34.48 19.96 -5.55
N MET H 35 33.60 20.10 -6.54
CA MET H 35 34.00 20.47 -7.90
C MET H 35 34.80 21.79 -7.92
N VAL H 36 34.30 22.81 -7.20
CA VAL H 36 34.87 24.16 -7.21
C VAL H 36 36.09 24.29 -6.29
N ALA H 37 36.19 23.52 -5.20
CA ALA H 37 37.33 23.52 -4.28
C ALA H 37 38.52 22.62 -4.71
N ALA H 38 38.62 22.21 -5.97
CA ALA H 38 39.82 21.48 -6.47
C ALA H 38 41.11 22.30 -6.23
N PRO H 39 42.25 21.65 -5.92
CA PRO H 39 43.44 22.32 -5.41
C PRO H 39 44.15 23.16 -6.49
C48 PEV I . 20.81 5.12 12.14
C47 PEV I . 20.48 3.67 11.75
C46 PEV I . 21.00 2.62 12.76
C45 PEV I . 20.56 2.87 14.22
C44 PEV I . 19.03 3.01 14.44
C43 PEV I . 18.18 1.82 13.95
C42 PEV I . 18.53 0.50 14.67
C41 PEV I . 17.49 -0.62 14.44
C40 PEV I . 16.21 -0.43 15.29
C39 PEV I . 15.50 -1.78 15.52
C38 PEV I . 14.31 -1.69 16.51
C37 PEV I . 13.74 -3.09 16.81
C36 PEV I . 12.87 -3.15 18.08
C35 PEV I . 12.54 -4.60 18.50
C34 PEV I . 11.31 -5.19 17.77
C33 PEV I . 11.19 -6.71 17.97
C32 PEV I . 9.74 -7.22 17.74
C31 PEV I . 9.66 -8.74 17.46
O31 PEV I . 9.36 -9.54 18.32
O2 PEV I . 10.11 -9.13 16.22
C2 PEV I . 9.95 -8.34 15.02
C1 PEV I . 8.44 -8.31 14.61
O3P PEV I . 7.90 -9.63 14.37
P PEV I . 7.78 -10.21 12.88
O1P PEV I . 6.54 -11.01 12.69
O2P PEV I . 7.80 -9.09 11.90
O4P PEV I . 9.11 -11.10 12.81
C4 PEV I . 9.17 -12.34 13.56
C5 PEV I . 10.42 -13.16 13.17
N6 PEV I . 11.68 -12.57 13.66
C3 PEV I . 10.86 -8.92 13.92
O3 PEV I . 12.19 -8.33 14.04
C11 PEV I . 12.42 -7.09 13.55
O11 PEV I . 11.60 -6.44 12.93
C12 PEV I . 13.85 -6.65 13.83
C13 PEV I . 14.39 -5.59 12.84
C14 PEV I . 15.88 -5.26 13.16
C15 PEV I . 16.46 -4.21 12.20
C16 PEV I . 17.99 -4.05 12.40
C17 PEV I . 18.63 -3.19 11.29
C18 PEV I . 20.18 -3.06 11.45
C19 PEV I . 20.59 -2.02 12.54
C20 PEV I . 22.12 -1.88 12.63
C21 PEV I . 22.59 -0.79 13.63
C22 PEV I . 22.75 -1.29 15.08
C23 PEV I . 24.08 -2.02 15.32
C24 PEV I . 24.24 -2.56 16.76
C25 PEV I . 25.60 -3.23 17.03
C26 PEV I . 25.79 -4.57 16.28
C48 PEV J . 8.50 20.23 -12.48
C47 PEV J . 7.17 20.04 -11.74
C46 PEV J . 6.25 21.27 -11.92
C45 PEV J . 5.02 21.24 -10.97
C44 PEV J . 3.93 20.24 -11.38
C43 PEV J . 2.77 20.27 -10.36
C42 PEV J . 1.62 19.29 -10.66
C41 PEV J . 0.91 19.58 -12.00
C40 PEV J . -0.44 18.84 -12.11
C39 PEV J . -1.59 19.61 -11.42
C38 PEV J . -2.95 18.91 -11.60
C37 PEV J . -4.08 19.65 -10.87
C36 PEV J . -5.39 18.84 -10.89
C35 PEV J . -6.50 19.51 -10.07
C34 PEV J . -7.68 18.53 -9.84
C33 PEV J . -8.80 19.18 -9.02
C32 PEV J . -10.00 18.22 -8.79
C31 PEV J . -11.11 18.89 -7.97
O31 PEV J . -12.06 19.44 -8.49
O2 PEV J . -10.69 19.25 -6.72
C2 PEV J . -10.47 18.22 -5.72
C1 PEV J . -11.87 17.93 -5.07
O3P PEV J . -11.99 16.61 -4.51
P PEV J . -11.86 15.31 -5.44
O1P PEV J . -12.19 15.64 -6.86
O2P PEV J . -12.73 14.21 -4.99
O4P PEV J . -10.29 15.00 -5.26
C4 PEV J . -9.76 14.30 -4.12
C5 PEV J . -9.82 15.13 -2.80
N6 PEV J . -11.15 15.14 -2.18
C3 PEV J . -9.47 18.76 -4.67
O3 PEV J . -8.17 18.99 -5.28
C11 PEV J . -7.27 17.98 -5.43
O11 PEV J . -7.44 16.84 -5.00
C12 PEV J . -5.94 18.51 -5.95
C13 PEV J . -4.69 17.74 -5.44
C14 PEV J . -3.44 18.65 -5.36
C15 PEV J . -2.93 19.18 -6.72
C16 PEV J . -2.14 20.50 -6.58
C17 PEV J . -0.81 20.38 -5.80
C18 PEV J . 0.33 19.77 -6.65
C19 PEV J . 1.74 19.87 -6.00
C20 PEV J . 2.24 21.31 -5.70
C21 PEV J . 2.09 22.29 -6.89
C22 PEV J . 2.77 23.65 -6.66
C23 PEV J . 4.31 23.62 -6.87
C24 PEV J . 4.72 23.61 -8.38
C25 PEV J . 5.16 25.00 -8.89
C26 PEV J . 5.61 24.96 -10.36
#